data_5DE0
#
_entry.id   5DE0
#
_cell.length_a   77.700
_cell.length_b   77.700
_cell.length_c   156.910
_cell.angle_alpha   90.00
_cell.angle_beta   90.00
_cell.angle_gamma   120.00
#
_symmetry.space_group_name_H-M   'P 32'
#
loop_
_entity.id
_entity.type
_entity.pdbx_description
1 polymer Deferrochelatase
2 non-polymer 'PROTOPORPHYRIN IX CONTAINING FE'
3 water water
#
_entity_poly.entity_id   1
_entity_poly.type   'polypeptide(L)'
_entity_poly.pdbx_seq_one_letter_code
;GPHMFKSQTAILPEAGPFALYTLLKVRQNHAHVLQALKALPALVEEINQNQPGAELTVSVAFSKGFWSHFEMASPPELID
FPELGEGETHAPSTDVDVLIHCHATRHDLLFYTLRKGISDIAQDIEIVDETYGFRYLDARDMTGFIDGTENPKAEKRAEV
ALVADGDFAGGSYVMVQRFVHNLPAWNRLNLAAQEKVIGRTKPDSVELENVPAASHVGRVDIKEEGKGLKIVRHSLPYGS
VSGDHGLLFIAYCHTLHNFKTMLESMYGVTDGKTDQLLRFTKAVTGAYFFAPSQVMLQELTLKNQ
;
_entity_poly.pdbx_strand_id   A,B,C,D
#
loop_
_chem_comp.id
_chem_comp.type
_chem_comp.name
_chem_comp.formula
HEM non-polymer 'PROTOPORPHYRIN IX CONTAINING FE' 'C34 H32 Fe N4 O4'
#
# COMPACT_ATOMS: atom_id res chain seq x y z
N LYS A 6 -0.06 17.61 27.19
CA LYS A 6 1.22 17.03 26.78
C LYS A 6 1.16 16.51 25.34
N SER A 7 2.16 16.91 24.54
CA SER A 7 2.28 16.41 23.18
C SER A 7 3.08 15.12 23.17
N GLN A 8 3.23 14.52 21.99
CA GLN A 8 4.05 13.33 21.86
C GLN A 8 5.53 13.73 21.80
N THR A 9 6.38 12.88 22.38
CA THR A 9 7.76 13.22 22.68
C THR A 9 8.65 13.65 21.49
N ALA A 10 8.21 13.36 20.28
CA ALA A 10 9.04 13.64 19.10
C ALA A 10 8.86 15.06 18.57
N ILE A 11 7.74 15.68 18.90
CA ILE A 11 7.37 16.96 18.30
C ILE A 11 8.19 18.16 18.79
N LEU A 12 8.07 18.46 20.08
CA LEU A 12 8.67 19.68 20.64
C LEU A 12 10.21 19.69 20.71
N PRO A 13 10.84 18.60 21.19
CA PRO A 13 12.31 18.66 21.24
C PRO A 13 12.95 18.78 19.85
N GLU A 14 14.17 19.29 19.81
CA GLU A 14 14.92 19.38 18.55
C GLU A 14 15.17 17.98 17.98
N ALA A 15 15.23 17.88 16.66
CA ALA A 15 15.48 16.61 16.00
C ALA A 15 16.88 16.10 16.33
N GLY A 16 16.95 14.84 16.73
CA GLY A 16 18.24 14.22 17.01
C GLY A 16 19.06 14.01 15.76
N PRO A 17 20.32 13.58 15.91
CA PRO A 17 21.23 13.31 14.79
C PRO A 17 20.70 12.23 13.84
N PHE A 18 19.80 11.39 14.33
CA PHE A 18 19.21 10.33 13.52
C PHE A 18 17.71 10.29 13.69
N ALA A 19 16.99 9.98 12.62
CA ALA A 19 15.53 9.97 12.66
C ALA A 19 14.93 8.86 11.80
N LEU A 20 13.76 8.37 12.21
CA LEU A 20 13.03 7.36 11.44
C LEU A 20 11.66 7.87 11.06
N TYR A 21 11.30 7.70 9.80
CA TYR A 21 10.00 8.13 9.29
C TYR A 21 9.31 6.99 8.56
N THR A 22 8.23 6.48 9.13
CA THR A 22 7.55 5.33 8.55
C THR A 22 6.09 5.62 8.20
N LEU A 23 5.74 5.39 6.94
CA LEU A 23 4.37 5.48 6.49
C LEU A 23 3.83 4.09 6.21
N LEU A 24 2.66 3.77 6.74
CA LEU A 24 2.12 2.43 6.59
C LEU A 24 0.61 2.40 6.38
N LYS A 25 0.13 1.34 5.73
CA LYS A 25 -1.28 1.16 5.46
C LYS A 25 -1.81 -0.06 6.20
N VAL A 26 -3.03 0.02 6.71
CA VAL A 26 -3.60 -1.08 7.48
C VAL A 26 -4.45 -2.01 6.62
N ARG A 27 -4.06 -3.29 6.59
CA ARG A 27 -4.78 -4.31 5.83
C ARG A 27 -6.02 -4.78 6.57
N GLN A 28 -5.80 -5.30 7.77
CA GLN A 28 -6.85 -5.95 8.56
C GLN A 28 -6.49 -5.91 10.05
N ASN A 29 -7.31 -6.57 10.87
CA ASN A 29 -7.10 -6.60 12.32
C ASN A 29 -6.87 -5.21 12.90
N HIS A 30 -7.70 -4.26 12.46
CA HIS A 30 -7.55 -2.84 12.80
C HIS A 30 -7.52 -2.60 14.30
N ALA A 31 -8.29 -3.40 15.04
CA ALA A 31 -8.36 -3.28 16.49
C ALA A 31 -7.00 -3.58 17.13
N HIS A 32 -6.33 -4.61 16.63
CA HIS A 32 -5.03 -4.99 17.19
C HIS A 32 -3.88 -4.61 16.25
N VAL A 33 -4.11 -3.57 15.47
CA VAL A 33 -3.02 -2.80 14.86
C VAL A 33 -2.94 -1.51 15.65
N LEU A 34 -4.12 -1.00 15.99
CA LEU A 34 -4.27 0.21 16.79
C LEU A 34 -3.66 0.03 18.18
N GLN A 35 -3.91 -1.12 18.80
CA GLN A 35 -3.39 -1.40 20.13
C GLN A 35 -1.86 -1.47 20.12
N ALA A 36 -1.30 -2.04 19.05
CA ALA A 36 0.14 -2.14 18.92
C ALA A 36 0.76 -0.76 18.76
N LEU A 37 0.07 0.11 18.03
CA LEU A 37 0.52 1.49 17.84
C LEU A 37 0.45 2.28 19.13
N LYS A 38 -0.57 1.99 19.94
CA LYS A 38 -0.74 2.64 21.24
C LYS A 38 0.36 2.23 22.22
N ALA A 39 0.98 1.09 21.96
CA ALA A 39 1.99 0.54 22.86
C ALA A 39 3.37 1.14 22.59
N LEU A 40 3.49 1.89 21.50
CA LEU A 40 4.77 2.47 21.10
C LEU A 40 5.40 3.43 22.13
N PRO A 41 4.61 4.35 22.72
CA PRO A 41 5.22 5.23 23.72
C PRO A 41 5.83 4.50 24.91
N ALA A 42 5.17 3.45 25.39
CA ALA A 42 5.68 2.67 26.51
C ALA A 42 6.99 1.99 26.13
N LEU A 43 7.05 1.51 24.88
CA LEU A 43 8.24 0.87 24.36
C LEU A 43 9.43 1.83 24.30
N VAL A 44 9.19 3.03 23.77
CA VAL A 44 10.23 4.05 23.65
C VAL A 44 10.76 4.47 25.01
N GLU A 45 9.85 4.63 25.97
CA GLU A 45 10.23 4.97 27.33
C GLU A 45 11.11 3.89 27.94
N GLU A 46 10.75 2.64 27.70
CA GLU A 46 11.50 1.50 28.20
C GLU A 46 12.91 1.45 27.60
N ILE A 47 13.01 1.76 26.31
CA ILE A 47 14.29 1.81 25.64
C ILE A 47 15.16 2.91 26.24
N ASN A 48 14.55 4.07 26.46
CA ASN A 48 15.23 5.20 27.07
C ASN A 48 15.76 4.89 28.46
N GLN A 49 15.02 4.07 29.20
CA GLN A 49 15.47 3.63 30.52
C GLN A 49 16.68 2.71 30.37
N ASN A 50 16.57 1.75 29.46
CA ASN A 50 17.65 0.79 29.22
C ASN A 50 18.85 1.41 28.52
N GLN A 51 18.63 2.51 27.80
CA GLN A 51 19.68 3.16 27.03
C GLN A 51 19.79 4.64 27.35
N PRO A 52 20.48 4.98 28.44
CA PRO A 52 20.65 6.39 28.85
C PRO A 52 21.44 7.19 27.81
N GLY A 53 20.95 8.38 27.48
CA GLY A 53 21.61 9.24 26.52
C GLY A 53 21.06 9.09 25.12
N ALA A 54 20.22 8.07 24.92
CA ALA A 54 19.62 7.81 23.62
C ALA A 54 18.73 8.96 23.19
N GLU A 55 17.97 9.51 24.13
CA GLU A 55 17.01 10.57 23.87
C GLU A 55 16.04 10.17 22.76
N LEU A 56 15.63 8.90 22.78
CA LEU A 56 14.70 8.37 21.79
C LEU A 56 13.30 8.93 22.00
N THR A 57 12.66 9.34 20.91
CA THR A 57 11.32 9.91 20.96
C THR A 57 10.42 9.26 19.92
N VAL A 58 9.11 9.47 20.05
CA VAL A 58 8.15 8.89 19.12
C VAL A 58 6.91 9.75 18.97
N SER A 59 6.34 9.75 17.77
CA SER A 59 5.09 10.44 17.51
C SER A 59 4.25 9.65 16.51
N VAL A 60 3.08 9.19 16.94
CA VAL A 60 2.19 8.44 16.07
C VAL A 60 1.05 9.35 15.57
N ALA A 61 0.87 9.38 14.25
CA ALA A 61 -0.13 10.24 13.64
C ALA A 61 -0.99 9.46 12.66
N PHE A 62 -2.24 9.88 12.50
CA PHE A 62 -3.19 9.19 11.64
C PHE A 62 -3.71 10.10 10.53
N SER A 63 -3.94 9.51 9.37
CA SER A 63 -4.41 10.26 8.20
C SER A 63 -5.92 10.48 8.23
N LYS A 64 -6.42 11.22 7.24
CA LYS A 64 -7.85 11.49 7.12
C LYS A 64 -8.61 10.25 6.70
N GLY A 65 -7.99 9.46 5.82
CA GLY A 65 -8.62 8.23 5.33
C GLY A 65 -8.78 7.18 6.41
N PHE A 66 -7.81 7.10 7.31
CA PHE A 66 -7.84 6.10 8.37
C PHE A 66 -8.65 6.57 9.57
N TRP A 67 -8.90 7.87 9.65
CA TRP A 67 -9.63 8.43 10.78
C TRP A 67 -11.11 8.07 10.72
N SER A 68 -11.52 7.46 9.61
CA SER A 68 -12.89 6.97 9.47
C SER A 68 -13.17 5.83 10.45
N HIS A 69 -12.15 5.03 10.73
CA HIS A 69 -12.29 3.86 11.60
C HIS A 69 -12.49 4.23 13.06
N PHE A 70 -11.98 5.39 13.45
CA PHE A 70 -12.18 5.90 14.80
C PHE A 70 -13.64 6.28 15.00
N GLU A 71 -14.18 5.99 16.19
CA GLU A 71 -15.49 6.51 16.53
C GLU A 71 -15.34 8.01 16.78
N MET A 72 -14.16 8.38 17.25
CA MET A 72 -13.79 9.79 17.38
C MET A 72 -13.73 10.43 16.00
N ALA A 73 -14.31 11.61 15.86
CA ALA A 73 -14.32 12.32 14.59
C ALA A 73 -12.95 12.94 14.27
N SER A 74 -12.72 13.23 13.00
CA SER A 74 -11.44 13.78 12.56
C SER A 74 -11.28 15.24 12.98
N PRO A 75 -10.02 15.69 13.12
CA PRO A 75 -9.73 17.11 13.31
C PRO A 75 -10.38 17.95 12.22
N PRO A 76 -10.88 19.14 12.58
CA PRO A 76 -11.65 20.00 11.67
C PRO A 76 -10.93 20.37 10.38
N GLU A 77 -9.60 20.42 10.43
CA GLU A 77 -8.81 20.84 9.26
C GLU A 77 -8.19 19.66 8.52
N LEU A 78 -8.28 18.47 9.11
CA LEU A 78 -7.67 17.29 8.51
C LEU A 78 -8.33 16.91 7.20
N ILE A 79 -7.53 16.83 6.14
CA ILE A 79 -8.02 16.47 4.81
C ILE A 79 -7.13 15.43 4.16
N ASP A 80 -7.61 14.85 3.06
CA ASP A 80 -6.76 14.02 2.21
C ASP A 80 -5.74 14.91 1.52
N PHE A 81 -4.51 14.43 1.43
CA PHE A 81 -3.46 15.20 0.76
C PHE A 81 -3.78 15.32 -0.73
N PRO A 82 -4.03 16.55 -1.19
CA PRO A 82 -4.42 16.78 -2.58
C PRO A 82 -3.23 16.83 -3.53
N GLU A 83 -3.41 16.31 -4.74
CA GLU A 83 -2.38 16.41 -5.77
C GLU A 83 -2.28 17.86 -6.26
N LEU A 84 -1.06 18.39 -6.27
CA LEU A 84 -0.85 19.79 -6.61
C LEU A 84 0.23 19.96 -7.67
N GLY A 85 0.16 21.05 -8.42
CA GLY A 85 1.22 21.42 -9.35
C GLY A 85 0.97 21.09 -10.80
N GLU A 86 1.96 21.38 -11.64
CA GLU A 86 1.88 21.12 -13.07
C GLU A 86 3.27 21.00 -13.69
N GLY A 87 3.43 20.05 -14.61
CA GLY A 87 4.70 19.87 -15.32
C GLY A 87 5.67 18.96 -14.59
N GLU A 88 6.87 19.46 -14.34
CA GLU A 88 7.84 18.71 -13.55
C GLU A 88 7.47 18.84 -12.08
N THR A 89 6.91 19.98 -11.73
CA THR A 89 6.52 20.28 -10.36
C THR A 89 5.16 19.66 -10.03
N HIS A 90 5.18 18.46 -9.48
CA HIS A 90 3.95 17.81 -9.03
C HIS A 90 4.11 17.24 -7.63
N ALA A 91 3.05 17.36 -6.83
CA ALA A 91 3.03 16.84 -5.48
C ALA A 91 2.13 15.61 -5.38
N PRO A 92 2.72 14.42 -5.49
CA PRO A 92 1.96 13.17 -5.45
C PRO A 92 1.25 12.95 -4.11
N SER A 93 0.15 12.20 -4.13
CA SER A 93 -0.57 11.87 -2.91
C SER A 93 -0.46 10.38 -2.61
N THR A 94 -0.05 10.05 -1.39
CA THR A 94 0.16 8.67 -1.01
C THR A 94 -0.90 8.21 -0.01
N ASP A 95 -1.65 7.17 -0.39
CA ASP A 95 -2.66 6.60 0.49
C ASP A 95 -2.00 5.86 1.64
N VAL A 96 -2.06 6.46 2.82
CA VAL A 96 -1.39 5.92 3.99
C VAL A 96 -2.29 6.10 5.21
N ASP A 97 -2.22 5.16 6.15
CA ASP A 97 -3.07 5.22 7.33
C ASP A 97 -2.37 5.85 8.53
N VAL A 98 -1.14 5.43 8.80
CA VAL A 98 -0.45 5.83 10.03
C VAL A 98 0.96 6.35 9.74
N LEU A 99 1.38 7.37 10.49
CA LEU A 99 2.76 7.84 10.46
C LEU A 99 3.47 7.55 11.79
N ILE A 100 4.62 6.91 11.71
CA ILE A 100 5.44 6.71 12.89
C ILE A 100 6.74 7.50 12.75
N HIS A 101 6.88 8.51 13.61
CA HIS A 101 8.03 9.41 13.56
C HIS A 101 8.88 9.26 14.82
N CYS A 102 10.17 8.98 14.61
CA CYS A 102 11.11 8.84 15.72
C CYS A 102 12.41 9.58 15.42
N HIS A 103 13.07 10.04 16.48
CA HIS A 103 14.43 10.57 16.35
C HIS A 103 15.20 10.36 17.66
N ALA A 104 16.51 10.17 17.54
CA ALA A 104 17.35 9.87 18.69
C ALA A 104 18.81 10.23 18.43
N THR A 105 19.65 10.01 19.42
CA THR A 105 21.06 10.33 19.29
C THR A 105 21.83 9.15 18.68
N ARG A 106 21.15 8.03 18.49
CA ARG A 106 21.76 6.87 17.85
C ARG A 106 20.82 6.26 16.81
N HIS A 107 21.42 5.61 15.81
CA HIS A 107 20.69 5.06 14.67
C HIS A 107 20.14 3.66 14.93
N ASP A 108 20.91 2.84 15.64
CA ASP A 108 20.55 1.44 15.84
C ASP A 108 19.23 1.27 16.59
N LEU A 109 18.94 2.18 17.50
CA LEU A 109 17.72 2.09 18.30
C LEU A 109 16.48 2.44 17.48
N LEU A 110 16.67 3.10 16.34
CA LEU A 110 15.57 3.42 15.45
C LEU A 110 15.08 2.16 14.74
N PHE A 111 16.03 1.36 14.26
CA PHE A 111 15.72 0.06 13.66
C PHE A 111 15.13 -0.86 14.71
N TYR A 112 15.71 -0.84 15.90
CA TYR A 112 15.26 -1.68 17.01
C TYR A 112 13.83 -1.36 17.39
N THR A 113 13.51 -0.08 17.45
CA THR A 113 12.18 0.37 17.84
C THR A 113 11.13 -0.07 16.82
N LEU A 114 11.42 0.10 15.54
CA LEU A 114 10.49 -0.26 14.49
C LEU A 114 10.30 -1.77 14.40
N ARG A 115 11.40 -2.52 14.40
CA ARG A 115 11.33 -3.98 14.32
C ARG A 115 10.54 -4.55 15.49
N LYS A 116 10.83 -4.05 16.69
CA LYS A 116 10.14 -4.52 17.89
C LYS A 116 8.66 -4.14 17.83
N GLY A 117 8.38 -2.88 17.55
CA GLY A 117 7.03 -2.36 17.64
C GLY A 117 6.06 -2.79 16.55
N ILE A 118 6.56 -3.32 15.44
CA ILE A 118 5.72 -3.52 14.27
C ILE A 118 5.69 -4.97 13.75
N SER A 119 6.74 -5.74 14.03
CA SER A 119 6.89 -7.08 13.45
C SER A 119 5.76 -8.04 13.84
N ASP A 120 5.19 -7.86 15.03
CA ASP A 120 4.09 -8.71 15.48
C ASP A 120 2.84 -8.50 14.61
N ILE A 121 2.67 -7.28 14.13
CA ILE A 121 1.51 -6.95 13.30
C ILE A 121 1.91 -6.77 11.83
N ALA A 122 3.06 -7.33 11.47
CA ALA A 122 3.57 -7.25 10.09
C ALA A 122 2.64 -7.97 9.12
N GLN A 123 1.90 -8.94 9.65
CA GLN A 123 0.93 -9.70 8.86
C GLN A 123 -0.28 -8.84 8.52
N ASP A 124 -0.58 -7.87 9.39
CA ASP A 124 -1.75 -7.01 9.23
C ASP A 124 -1.38 -5.64 8.67
N ILE A 125 -0.08 -5.40 8.50
CA ILE A 125 0.42 -4.08 8.13
C ILE A 125 1.35 -4.13 6.92
N GLU A 126 1.19 -3.17 6.02
CA GLU A 126 2.08 -3.03 4.87
C GLU A 126 2.81 -1.69 4.92
N ILE A 127 4.15 -1.74 5.01
CA ILE A 127 4.96 -0.53 5.10
C ILE A 127 5.04 0.18 3.77
N VAL A 128 4.41 1.35 3.68
CA VAL A 128 4.43 2.13 2.45
C VAL A 128 5.81 2.73 2.21
N ASP A 129 6.40 3.28 3.26
CA ASP A 129 7.74 3.85 3.17
C ASP A 129 8.46 3.80 4.51
N GLU A 130 9.76 3.54 4.48
CA GLU A 130 10.58 3.50 5.67
C GLU A 130 11.88 4.27 5.41
N THR A 131 11.96 5.48 5.96
CA THR A 131 13.08 6.36 5.68
C THR A 131 13.91 6.65 6.94
N TYR A 132 15.22 6.45 6.84
CA TYR A 132 16.13 6.75 7.93
C TYR A 132 16.90 8.03 7.66
N GLY A 133 16.53 9.09 8.37
CA GLY A 133 17.20 10.37 8.21
C GLY A 133 18.43 10.50 9.07
N PHE A 134 19.35 11.38 8.67
CA PHE A 134 20.54 11.67 9.45
C PHE A 134 20.99 13.10 9.21
N ARG A 135 21.40 13.78 10.28
CA ARG A 135 21.92 15.13 10.17
C ARG A 135 23.23 15.08 9.38
N TYR A 136 23.33 15.94 8.37
CA TYR A 136 24.41 15.87 7.40
C TYR A 136 25.35 17.07 7.51
N LEU A 137 26.59 16.79 7.90
CA LEU A 137 27.59 17.83 8.19
C LEU A 137 27.03 18.82 9.21
N ASP A 138 27.25 20.11 9.00
CA ASP A 138 26.71 21.10 9.91
C ASP A 138 25.26 21.46 9.55
N ALA A 139 24.36 20.50 9.81
CA ALA A 139 22.93 20.67 9.61
C ALA A 139 22.57 21.09 8.19
N ARG A 140 23.26 20.50 7.22
CA ARG A 140 23.06 20.88 5.82
C ARG A 140 22.23 19.86 5.06
N ASP A 141 21.43 20.36 4.11
CA ASP A 141 20.77 19.51 3.15
C ASP A 141 21.80 19.07 2.11
N MET A 142 21.51 18.00 1.38
CA MET A 142 22.48 17.46 0.41
C MET A 142 22.68 18.37 -0.80
N THR A 143 21.92 19.46 -0.86
CA THR A 143 22.14 20.48 -1.88
C THR A 143 23.32 21.38 -1.50
N GLY A 144 23.77 21.26 -0.25
CA GLY A 144 24.88 22.05 0.24
C GLY A 144 24.44 23.24 1.06
N PHE A 145 23.13 23.44 1.14
CA PHE A 145 22.56 24.56 1.89
C PHE A 145 22.07 24.10 3.26
N ILE A 146 22.29 24.92 4.26
CA ILE A 146 21.87 24.60 5.63
C ILE A 146 20.35 24.57 5.74
N ASP A 147 19.83 23.54 6.41
CA ASP A 147 18.40 23.40 6.62
C ASP A 147 18.03 23.54 8.09
N GLY A 148 17.16 24.51 8.39
CA GLY A 148 16.67 24.70 9.75
C GLY A 148 17.10 25.99 10.40
N THR A 149 17.66 26.90 9.60
CA THR A 149 18.17 28.18 10.11
C THR A 149 17.07 29.02 10.76
N GLU A 150 15.92 29.12 10.10
CA GLU A 150 14.81 29.91 10.61
C GLU A 150 13.74 29.05 11.25
N ASN A 151 14.08 27.80 11.53
CA ASN A 151 13.19 26.90 12.24
C ASN A 151 12.99 27.38 13.67
N PRO A 152 11.72 27.43 14.13
CA PRO A 152 11.37 27.86 15.50
C PRO A 152 12.18 27.17 16.57
N LYS A 153 12.54 27.91 17.62
CA LYS A 153 13.41 27.39 18.67
C LYS A 153 12.83 27.60 20.07
N ALA A 154 13.05 26.62 20.93
CA ALA A 154 12.67 26.70 22.35
C ALA A 154 11.19 27.00 22.56
N GLU A 155 10.92 28.13 23.20
CA GLU A 155 9.58 28.51 23.59
C GLU A 155 8.61 28.68 22.42
N LYS A 156 9.14 29.00 21.25
CA LYS A 156 8.31 29.21 20.06
C LYS A 156 7.73 27.90 19.54
N ARG A 157 8.43 26.81 19.78
CA ARG A 157 8.05 25.50 19.23
C ARG A 157 6.69 25.01 19.74
N ALA A 158 6.42 25.26 21.03
CA ALA A 158 5.19 24.79 21.65
C ALA A 158 3.96 25.50 21.09
N GLU A 159 4.10 26.78 20.81
CA GLU A 159 2.96 27.59 20.35
C GLU A 159 2.74 27.48 18.84
N VAL A 160 3.76 27.02 18.12
CA VAL A 160 3.66 26.87 16.66
C VAL A 160 3.15 25.49 16.26
N ALA A 161 3.60 24.46 16.97
CA ALA A 161 3.28 23.09 16.59
C ALA A 161 1.97 22.57 17.18
N LEU A 162 1.67 22.93 18.42
CA LEU A 162 0.59 22.28 19.16
C LEU A 162 -0.74 23.03 19.13
N VAL A 163 -1.83 22.26 19.02
CA VAL A 163 -3.17 22.82 19.14
C VAL A 163 -3.37 23.35 20.56
N ALA A 164 -3.82 24.59 20.65
CA ALA A 164 -3.92 25.29 21.92
C ALA A 164 -5.15 24.90 22.74
N ASP A 165 -6.30 24.76 22.08
CA ASP A 165 -7.56 24.61 22.78
C ASP A 165 -8.37 23.40 22.34
N GLY A 166 -9.45 23.12 23.07
CA GLY A 166 -10.41 22.12 22.68
C GLY A 166 -10.03 20.67 22.93
N ASP A 167 -10.77 19.76 22.29
CA ASP A 167 -10.55 18.34 22.45
C ASP A 167 -9.22 17.88 21.85
N PHE A 168 -8.83 18.49 20.74
CA PHE A 168 -7.62 18.10 20.02
C PHE A 168 -6.38 18.83 20.53
N ALA A 169 -6.51 19.52 21.66
CA ALA A 169 -5.41 20.27 22.25
C ALA A 169 -4.24 19.37 22.63
N GLY A 170 -3.02 19.83 22.35
CA GLY A 170 -1.83 19.05 22.62
C GLY A 170 -1.41 18.26 21.39
N GLY A 171 -2.35 18.09 20.46
CA GLY A 171 -2.08 17.39 19.22
C GLY A 171 -1.54 18.33 18.17
N SER A 172 -1.16 17.79 17.02
CA SER A 172 -0.58 18.59 15.94
C SER A 172 -0.88 18.03 14.56
N TYR A 173 -1.14 18.94 13.61
CA TYR A 173 -1.28 18.55 12.21
C TYR A 173 0.10 18.26 11.63
N VAL A 174 0.21 17.15 10.89
CA VAL A 174 1.49 16.73 10.34
C VAL A 174 1.45 16.65 8.82
N MET A 175 2.55 17.03 8.18
CA MET A 175 2.71 16.84 6.74
C MET A 175 4.03 16.13 6.46
N VAL A 176 4.03 15.24 5.48
CA VAL A 176 5.22 14.47 5.13
C VAL A 176 5.41 14.41 3.62
N GLN A 177 6.62 14.71 3.17
CA GLN A 177 6.98 14.58 1.76
C GLN A 177 8.41 14.07 1.60
N ARG A 178 8.58 12.92 0.97
CA ARG A 178 9.90 12.42 0.67
C ARG A 178 10.38 12.96 -0.67
N PHE A 179 11.46 13.74 -0.65
CA PHE A 179 11.97 14.36 -1.86
C PHE A 179 13.16 13.58 -2.43
N VAL A 180 13.23 13.53 -3.76
CA VAL A 180 14.36 12.91 -4.44
C VAL A 180 15.14 13.97 -5.23
N HIS A 181 16.41 14.17 -4.86
CA HIS A 181 17.22 15.23 -5.44
C HIS A 181 17.89 14.83 -6.76
N ASN A 182 17.97 15.79 -7.67
CA ASN A 182 18.74 15.65 -8.89
C ASN A 182 20.03 16.45 -8.77
N LEU A 183 20.99 15.91 -8.03
CA LEU A 183 22.22 16.62 -7.72
C LEU A 183 23.08 17.07 -8.91
N PRO A 184 23.24 16.20 -9.95
CA PRO A 184 24.05 16.67 -11.08
C PRO A 184 23.47 17.90 -11.79
N ALA A 185 22.15 17.95 -11.92
CA ALA A 185 21.50 19.11 -12.52
C ALA A 185 21.68 20.34 -11.65
N TRP A 186 21.60 20.14 -10.34
CA TRP A 186 21.82 21.19 -9.36
C TRP A 186 23.28 21.63 -9.36
N ASN A 187 24.16 20.71 -9.75
CA ASN A 187 25.59 20.94 -9.76
C ASN A 187 26.05 21.81 -10.93
N ARG A 188 25.29 21.77 -12.03
CA ARG A 188 25.65 22.53 -13.22
C ARG A 188 25.57 24.03 -12.98
N LEU A 189 24.65 24.43 -12.11
CA LEU A 189 24.50 25.84 -11.75
C LEU A 189 25.67 26.31 -10.91
N ASN A 190 26.04 27.57 -11.05
CA ASN A 190 27.10 28.15 -10.23
C ASN A 190 26.59 28.55 -8.86
N LEU A 191 27.47 29.09 -8.03
CA LEU A 191 27.14 29.45 -6.66
C LEU A 191 25.99 30.46 -6.56
N ALA A 192 26.11 31.55 -7.32
CA ALA A 192 25.14 32.63 -7.28
C ALA A 192 23.74 32.17 -7.68
N ALA A 193 23.67 31.33 -8.71
CA ALA A 193 22.39 30.83 -9.21
C ALA A 193 21.69 29.96 -8.17
N GLN A 194 22.46 29.14 -7.46
CA GLN A 194 21.91 28.28 -6.43
C GLN A 194 21.35 29.10 -5.27
N GLU A 195 22.08 30.15 -4.89
CA GLU A 195 21.66 31.03 -3.81
C GLU A 195 20.36 31.74 -4.14
N LYS A 196 20.20 32.10 -5.41
CA LYS A 196 18.99 32.78 -5.88
C LYS A 196 17.81 31.82 -5.92
N VAL A 197 18.09 30.55 -6.18
CA VAL A 197 17.06 29.52 -6.19
C VAL A 197 16.58 29.23 -4.78
N ILE A 198 17.52 29.08 -3.85
CA ILE A 198 17.17 28.84 -2.46
C ILE A 198 16.61 30.10 -1.82
N GLY A 199 17.39 31.18 -1.86
CA GLY A 199 16.98 32.44 -1.29
C GLY A 199 17.89 32.88 -0.16
N ARG A 200 18.97 32.12 0.06
CA ARG A 200 19.96 32.46 1.08
C ARG A 200 21.37 32.19 0.55
N THR A 201 22.37 32.70 1.25
CA THR A 201 23.76 32.40 0.92
C THR A 201 24.05 30.94 1.27
N LYS A 202 24.98 30.33 0.56
CA LYS A 202 25.26 28.91 0.76
C LYS A 202 26.14 28.61 1.99
N PRO A 203 27.29 29.27 2.15
CA PRO A 203 28.14 28.84 3.27
C PRO A 203 27.62 29.20 4.66
N ASP A 204 26.90 30.31 4.79
CA ASP A 204 26.48 30.77 6.12
C ASP A 204 24.98 31.05 6.23
N SER A 205 24.23 30.63 5.22
CA SER A 205 22.76 30.70 5.24
C SER A 205 22.20 32.07 5.60
N VAL A 206 22.85 33.13 5.11
CA VAL A 206 22.35 34.48 5.29
C VAL A 206 21.25 34.77 4.28
N GLU A 207 20.09 35.22 4.77
CA GLU A 207 18.97 35.53 3.90
C GLU A 207 19.32 36.67 2.95
N LEU A 208 19.04 36.48 1.68
CA LEU A 208 19.29 37.49 0.67
C LEU A 208 18.43 38.73 0.95
N GLU A 209 19.01 39.90 0.71
CA GLU A 209 18.29 41.16 0.87
C GLU A 209 17.08 41.17 -0.06
N ASN A 210 17.26 40.64 -1.26
CA ASN A 210 16.15 40.42 -2.18
C ASN A 210 15.85 38.93 -2.34
N VAL A 211 14.81 38.47 -1.65
CA VAL A 211 14.36 37.10 -1.82
C VAL A 211 13.34 37.05 -2.96
N PRO A 212 13.74 36.47 -4.10
CA PRO A 212 12.85 36.41 -5.27
C PRO A 212 11.59 35.60 -4.96
N ALA A 213 10.46 36.02 -5.54
CA ALA A 213 9.17 35.39 -5.28
C ALA A 213 9.15 33.94 -5.69
N ALA A 214 10.02 33.57 -6.64
CA ALA A 214 10.04 32.22 -7.18
C ALA A 214 11.00 31.31 -6.40
N SER A 215 11.90 31.91 -5.62
CA SER A 215 12.83 31.15 -4.79
C SER A 215 12.08 30.36 -3.73
N HIS A 216 12.73 29.34 -3.19
CA HIS A 216 12.08 28.48 -2.21
C HIS A 216 11.67 29.25 -0.96
N VAL A 217 12.58 30.08 -0.45
CA VAL A 217 12.26 30.93 0.69
C VAL A 217 11.12 31.86 0.32
N GLY A 218 11.17 32.41 -0.89
CA GLY A 218 10.13 33.29 -1.38
C GLY A 218 8.76 32.64 -1.42
N ARG A 219 8.74 31.33 -1.67
CA ARG A 219 7.49 30.59 -1.77
C ARG A 219 6.91 30.25 -0.39
N VAL A 220 7.78 29.92 0.57
CA VAL A 220 7.33 29.42 1.87
C VAL A 220 7.31 30.49 2.95
N ASP A 221 7.99 31.61 2.72
CA ASP A 221 7.93 32.75 3.64
C ASP A 221 6.64 33.53 3.34
N ILE A 222 5.53 33.04 3.87
CA ILE A 222 4.21 33.56 3.53
C ILE A 222 3.66 34.49 4.63
N LYS A 223 2.97 35.54 4.20
CA LYS A 223 2.45 36.56 5.10
C LYS A 223 0.92 36.68 4.99
N GLU A 224 0.21 36.48 6.10
CA GLU A 224 -1.24 36.56 6.10
C GLU A 224 -1.79 37.56 7.11
N GLU A 225 -0.88 38.33 7.71
CA GLU A 225 -1.23 39.36 8.70
C GLU A 225 -2.04 38.85 9.88
N GLY A 226 -1.41 38.07 10.77
CA GLY A 226 -0.02 37.65 10.61
C GLY A 226 1.02 38.64 11.10
N LYS A 227 2.04 38.86 10.28
CA LYS A 227 2.15 38.19 8.98
C LYS A 227 3.30 37.20 8.93
N GLY A 228 3.19 36.12 9.70
CA GLY A 228 4.18 35.08 9.70
C GLY A 228 3.58 33.69 9.90
N LEU A 229 3.54 32.90 8.84
CA LEU A 229 3.01 31.54 8.91
C LEU A 229 4.14 30.57 9.22
N LYS A 230 4.19 30.10 10.46
CA LYS A 230 5.32 29.29 10.92
C LYS A 230 4.96 27.83 11.11
N ILE A 231 5.94 26.97 10.84
CA ILE A 231 5.80 25.53 11.08
C ILE A 231 7.04 25.01 11.80
N VAL A 232 6.91 23.86 12.43
CA VAL A 232 8.05 23.23 13.10
C VAL A 232 8.53 22.04 12.27
N ARG A 233 9.68 22.23 11.62
CA ARG A 233 10.23 21.22 10.72
C ARG A 233 11.13 20.22 11.44
N HIS A 234 10.87 18.94 11.22
CA HIS A 234 11.73 17.88 11.74
C HIS A 234 12.42 17.16 10.59
N SER A 235 12.54 17.85 9.47
CA SER A 235 13.11 17.28 8.25
C SER A 235 14.58 16.90 8.44
N LEU A 236 15.02 15.91 7.67
CA LEU A 236 16.39 15.41 7.75
C LEU A 236 16.78 14.70 6.45
N PRO A 237 18.04 14.90 6.00
CA PRO A 237 18.56 14.24 4.80
C PRO A 237 18.52 12.71 4.91
N TYR A 238 18.49 12.04 3.76
CA TYR A 238 18.38 10.58 3.73
C TYR A 238 18.95 10.00 2.45
N GLY A 239 19.10 8.68 2.42
CA GLY A 239 19.36 7.97 1.17
C GLY A 239 20.80 7.59 0.90
N SER A 240 21.01 7.02 -0.28
CA SER A 240 22.33 6.58 -0.71
C SER A 240 22.76 7.30 -1.98
N VAL A 241 24.05 7.20 -2.30
CA VAL A 241 24.60 7.86 -3.47
C VAL A 241 24.06 7.25 -4.76
N SER A 242 24.06 5.93 -4.83
CA SER A 242 23.65 5.21 -6.04
C SER A 242 22.15 5.00 -6.15
N GLY A 243 21.41 5.43 -5.13
CA GLY A 243 19.97 5.28 -5.14
C GLY A 243 19.28 6.61 -4.87
N ASP A 244 18.06 6.54 -4.33
CA ASP A 244 17.35 7.75 -3.96
C ASP A 244 18.06 8.46 -2.80
N HIS A 245 18.17 9.78 -2.92
CA HIS A 245 18.73 10.59 -1.84
C HIS A 245 18.14 11.99 -1.91
N GLY A 246 18.07 12.65 -0.76
CA GLY A 246 17.52 13.99 -0.68
C GLY A 246 17.11 14.36 0.72
N LEU A 247 15.87 14.83 0.85
CA LEU A 247 15.36 15.28 2.14
C LEU A 247 14.00 14.67 2.44
N LEU A 248 13.88 14.07 3.62
CA LEU A 248 12.59 13.62 4.11
C LEU A 248 11.93 14.78 4.84
N PHE A 249 11.11 15.55 4.13
CA PHE A 249 10.45 16.69 4.74
C PHE A 249 9.28 16.25 5.62
N ILE A 250 9.32 16.68 6.88
CA ILE A 250 8.21 16.46 7.80
C ILE A 250 8.04 17.70 8.67
N ALA A 251 6.80 18.13 8.86
CA ALA A 251 6.54 19.35 9.61
C ALA A 251 5.32 19.21 10.52
N TYR A 252 5.37 19.88 11.66
CA TYR A 252 4.25 19.91 12.59
C TYR A 252 3.72 21.33 12.75
N CYS A 253 2.41 21.46 12.93
CA CYS A 253 1.79 22.76 13.12
C CYS A 253 0.41 22.63 13.75
N HIS A 254 0.00 23.67 14.47
CA HIS A 254 -1.29 23.69 15.15
C HIS A 254 -2.44 23.75 14.16
N THR A 255 -2.16 24.22 12.95
CA THR A 255 -3.18 24.28 11.91
C THR A 255 -2.62 23.74 10.58
N LEU A 256 -3.46 22.98 9.87
CA LEU A 256 -3.07 22.41 8.58
C LEU A 256 -3.04 23.50 7.50
N HIS A 257 -3.69 24.63 7.80
CA HIS A 257 -3.76 25.75 6.85
C HIS A 257 -2.38 26.23 6.41
N ASN A 258 -1.43 26.25 7.34
CA ASN A 258 -0.08 26.68 7.01
C ASN A 258 0.58 25.75 5.98
N PHE A 259 0.40 24.44 6.14
CA PHE A 259 0.93 23.47 5.21
C PHE A 259 0.33 23.66 3.81
N LYS A 260 -0.99 23.71 3.76
CA LYS A 260 -1.73 23.86 2.51
C LYS A 260 -1.35 25.15 1.78
N THR A 261 -1.17 26.23 2.53
CA THR A 261 -0.82 27.51 1.95
C THR A 261 0.57 27.49 1.33
N MET A 262 1.52 26.88 2.04
CA MET A 262 2.89 26.78 1.56
C MET A 262 3.00 25.91 0.32
N LEU A 263 2.27 24.79 0.33
CA LEU A 263 2.29 23.86 -0.79
C LEU A 263 1.60 24.45 -2.03
N GLU A 264 0.56 25.23 -1.81
CA GLU A 264 -0.13 25.91 -2.91
C GLU A 264 0.79 26.95 -3.54
N SER A 265 1.57 27.62 -2.69
CA SER A 265 2.53 28.62 -3.14
C SER A 265 3.67 27.98 -3.92
N MET A 266 4.16 26.84 -3.42
CA MET A 266 5.30 26.16 -4.03
C MET A 266 4.99 25.57 -5.40
N TYR A 267 3.81 24.98 -5.54
CA TYR A 267 3.48 24.25 -6.77
C TYR A 267 2.62 25.08 -7.73
N GLY A 268 2.75 26.39 -7.65
CA GLY A 268 2.13 27.30 -8.60
C GLY A 268 0.61 27.31 -8.62
N VAL A 269 0.00 27.06 -7.47
CA VAL A 269 -1.45 27.07 -7.36
C VAL A 269 -1.94 28.45 -6.92
N THR A 270 -1.19 29.08 -6.01
CA THR A 270 -1.58 30.37 -5.46
C THR A 270 -1.45 31.51 -6.47
N ASP A 271 -0.25 31.67 -7.03
CA ASP A 271 0.03 32.79 -7.93
C ASP A 271 0.28 32.34 -9.37
N GLY A 272 0.65 31.08 -9.54
CA GLY A 272 0.94 30.55 -10.86
C GLY A 272 2.43 30.33 -11.07
N LYS A 273 3.23 30.90 -10.18
CA LYS A 273 4.67 30.68 -10.18
C LYS A 273 5.02 29.49 -9.28
N THR A 274 5.88 28.61 -9.78
CA THR A 274 6.28 27.41 -9.03
C THR A 274 7.62 27.59 -8.33
N ASP A 275 7.89 26.74 -7.35
CA ASP A 275 9.14 26.79 -6.61
C ASP A 275 10.32 26.41 -7.51
N GLN A 276 11.31 27.29 -7.58
CA GLN A 276 12.50 27.06 -8.40
C GLN A 276 13.30 25.86 -7.92
N LEU A 277 13.18 25.56 -6.63
CA LEU A 277 13.89 24.43 -6.04
C LEU A 277 13.37 23.10 -6.57
N LEU A 278 12.10 23.09 -6.98
CA LEU A 278 11.46 21.88 -7.47
C LEU A 278 11.97 21.49 -8.87
N ARG A 279 12.82 22.33 -9.44
CA ARG A 279 13.47 22.01 -10.70
C ARG A 279 14.60 21.01 -10.49
N PHE A 280 15.03 20.88 -9.23
CA PHE A 280 16.20 20.07 -8.91
C PHE A 280 15.85 18.94 -7.95
N THR A 281 14.61 18.91 -7.49
CA THR A 281 14.13 17.84 -6.61
C THR A 281 12.66 17.55 -6.89
N LYS A 282 12.24 16.32 -6.65
CA LYS A 282 10.87 15.90 -6.92
C LYS A 282 10.31 15.13 -5.74
N ALA A 283 9.09 15.48 -5.32
CA ALA A 283 8.40 14.74 -4.29
C ALA A 283 7.90 13.43 -4.84
N VAL A 284 8.12 12.35 -4.10
CA VAL A 284 7.67 11.02 -4.52
C VAL A 284 6.60 10.53 -3.56
N THR A 285 6.45 11.25 -2.45
CA THR A 285 5.48 10.91 -1.42
C THR A 285 4.86 12.19 -0.86
N GLY A 286 3.56 12.13 -0.54
CA GLY A 286 2.87 13.26 0.04
C GLY A 286 1.67 12.82 0.86
N ALA A 287 1.59 13.27 2.11
CA ALA A 287 0.53 12.83 3.01
C ALA A 287 0.28 13.79 4.16
N TYR A 288 -0.99 13.87 4.58
CA TYR A 288 -1.39 14.66 5.74
C TYR A 288 -1.78 13.75 6.91
N PHE A 289 -1.42 14.16 8.11
CA PHE A 289 -1.79 13.41 9.31
C PHE A 289 -2.22 14.35 10.43
N PHE A 290 -2.62 13.76 11.55
CA PHE A 290 -2.78 14.51 12.79
C PHE A 290 -2.30 13.64 13.94
N ALA A 291 -1.23 14.08 14.61
CA ALA A 291 -0.72 13.37 15.76
C ALA A 291 -1.50 13.78 17.00
N PRO A 292 -2.30 12.85 17.55
CA PRO A 292 -3.10 13.18 18.73
C PRO A 292 -2.23 13.38 19.96
N SER A 293 -2.79 14.00 20.99
CA SER A 293 -2.09 14.12 22.27
C SER A 293 -1.93 12.74 22.88
N GLN A 294 -1.09 12.62 23.89
CA GLN A 294 -0.85 11.34 24.55
C GLN A 294 -2.15 10.74 25.10
N VAL A 295 -3.04 11.62 25.57
CA VAL A 295 -4.31 11.19 26.11
C VAL A 295 -5.25 10.66 25.03
N MET A 296 -5.52 11.48 24.02
CA MET A 296 -6.38 11.09 22.91
C MET A 296 -5.87 9.84 22.20
N LEU A 297 -4.54 9.74 22.09
CA LEU A 297 -3.87 8.59 21.50
C LEU A 297 -4.32 7.27 22.11
N GLN A 298 -4.34 7.23 23.44
CA GLN A 298 -4.65 6.00 24.17
C GLN A 298 -6.15 5.71 24.25
N GLU A 299 -6.97 6.71 23.99
CA GLU A 299 -8.43 6.56 24.08
C GLU A 299 -9.10 6.50 22.71
N LEU A 300 -8.32 6.62 21.64
CA LEU A 300 -8.84 6.48 20.29
C LEU A 300 -9.44 5.08 20.10
N THR A 301 -10.66 5.03 19.56
CA THR A 301 -11.37 3.76 19.42
C THR A 301 -12.27 3.74 18.19
N LYS B 6 53.07 -0.10 5.45
CA LYS B 6 51.89 0.59 5.97
C LYS B 6 50.61 0.16 5.27
N SER B 7 49.71 -0.44 6.03
CA SER B 7 48.39 -0.81 5.52
C SER B 7 47.48 0.41 5.40
N GLN B 8 46.39 0.26 4.66
CA GLN B 8 45.40 1.32 4.56
C GLN B 8 44.64 1.44 5.88
N THR B 9 44.28 2.66 6.24
CA THR B 9 43.85 3.01 7.59
C THR B 9 42.61 2.27 8.12
N ALA B 10 41.85 1.64 7.25
CA ALA B 10 40.59 1.02 7.66
C ALA B 10 40.77 -0.38 8.25
N ILE B 11 41.87 -1.04 7.89
CA ILE B 11 42.05 -2.46 8.19
C ILE B 11 42.37 -2.78 9.65
N LEU B 12 43.48 -2.25 10.14
CA LEU B 12 43.97 -2.57 11.48
C LEU B 12 43.11 -2.09 12.66
N PRO B 13 42.64 -0.83 12.63
CA PRO B 13 41.87 -0.38 13.80
C PRO B 13 40.55 -1.13 13.98
N GLU B 14 40.00 -1.09 15.18
CA GLU B 14 38.68 -1.66 15.45
C GLU B 14 37.64 -0.88 14.66
N ALA B 15 36.62 -1.58 14.18
CA ALA B 15 35.56 -0.95 13.39
C ALA B 15 34.85 0.14 14.18
N GLY B 16 34.55 1.24 13.50
CA GLY B 16 33.81 2.33 14.11
C GLY B 16 32.33 2.00 14.17
N PRO B 17 31.54 2.84 14.87
CA PRO B 17 30.10 2.67 15.04
C PRO B 17 29.33 2.63 13.71
N PHE B 18 29.93 3.18 12.65
CA PHE B 18 29.31 3.21 11.34
C PHE B 18 30.33 2.86 10.26
N ALA B 19 29.88 2.21 9.20
CA ALA B 19 30.78 1.82 8.13
C ALA B 19 30.13 1.90 6.75
N LEU B 20 30.96 2.11 5.73
CA LEU B 20 30.51 2.12 4.35
C LEU B 20 31.20 1.02 3.56
N TYR B 21 30.40 0.20 2.87
CA TYR B 21 30.94 -0.85 2.02
C TYR B 21 30.38 -0.72 0.62
N THR B 22 31.22 -0.26 -0.32
CA THR B 22 30.76 -0.01 -1.67
C THR B 22 31.43 -0.91 -2.69
N LEU B 23 30.61 -1.62 -3.46
CA LEU B 23 31.09 -2.44 -4.57
C LEU B 23 30.71 -1.75 -5.88
N LEU B 24 31.69 -1.53 -6.75
CA LEU B 24 31.43 -0.84 -8.01
C LEU B 24 32.13 -1.50 -9.19
N LYS B 25 31.61 -1.23 -10.39
CA LYS B 25 32.18 -1.74 -11.62
C LYS B 25 32.69 -0.57 -12.47
N VAL B 26 33.85 -0.74 -13.09
CA VAL B 26 34.44 0.32 -13.90
C VAL B 26 34.08 0.13 -15.36
N ARG B 27 33.27 1.04 -15.89
CA ARG B 27 32.75 0.90 -17.26
C ARG B 27 33.59 1.62 -18.31
N GLN B 28 34.07 2.82 -17.98
CA GLN B 28 34.87 3.59 -18.92
C GLN B 28 35.83 4.53 -18.18
N ASN B 29 36.67 5.21 -18.95
CA ASN B 29 37.65 6.17 -18.42
C ASN B 29 38.43 5.62 -17.23
N HIS B 30 38.99 4.43 -17.40
CA HIS B 30 39.63 3.69 -16.33
C HIS B 30 40.75 4.48 -15.63
N ALA B 31 41.47 5.29 -16.39
CA ALA B 31 42.57 6.07 -15.83
C ALA B 31 42.04 7.16 -14.90
N HIS B 32 40.91 7.76 -15.27
CA HIS B 32 40.30 8.80 -14.46
C HIS B 32 39.74 8.19 -13.18
N VAL B 33 39.22 6.97 -13.28
CA VAL B 33 38.65 6.27 -12.13
C VAL B 33 39.72 5.89 -11.13
N LEU B 34 40.83 5.35 -11.62
CA LEU B 34 41.95 4.96 -10.77
C LEU B 34 42.50 6.16 -10.00
N GLN B 35 42.64 7.29 -10.68
CA GLN B 35 43.10 8.53 -10.05
C GLN B 35 42.18 8.95 -8.93
N ALA B 36 40.88 8.92 -9.20
CA ALA B 36 39.87 9.29 -8.21
C ALA B 36 39.90 8.38 -7.00
N LEU B 37 40.24 7.10 -7.22
CA LEU B 37 40.34 6.14 -6.12
C LEU B 37 41.58 6.41 -5.28
N LYS B 38 42.66 6.78 -5.95
CA LYS B 38 43.92 7.09 -5.27
C LYS B 38 43.80 8.34 -4.41
N ALA B 39 42.91 9.24 -4.79
CA ALA B 39 42.76 10.52 -4.11
C ALA B 39 41.86 10.43 -2.89
N LEU B 40 41.31 9.23 -2.65
CA LEU B 40 40.45 9.01 -1.48
C LEU B 40 41.17 9.19 -0.14
N PRO B 41 42.37 8.60 0.03
CA PRO B 41 43.08 8.83 1.30
C PRO B 41 43.33 10.30 1.62
N ALA B 42 43.69 11.09 0.62
CA ALA B 42 43.96 12.51 0.81
C ALA B 42 42.70 13.24 1.21
N LEU B 43 41.57 12.83 0.64
CA LEU B 43 40.28 13.40 0.99
C LEU B 43 39.93 13.06 2.44
N VAL B 44 40.15 11.81 2.81
CA VAL B 44 39.86 11.34 4.17
C VAL B 44 40.70 12.09 5.21
N GLU B 45 41.98 12.27 4.92
CA GLU B 45 42.87 13.03 5.80
C GLU B 45 42.35 14.45 6.01
N GLU B 46 41.87 15.06 4.92
CA GLU B 46 41.35 16.41 4.97
C GLU B 46 40.07 16.50 5.80
N ILE B 47 39.21 15.50 5.66
CA ILE B 47 37.99 15.42 6.45
C ILE B 47 38.30 15.30 7.94
N ASN B 48 39.26 14.44 8.27
CA ASN B 48 39.67 14.24 9.66
C ASN B 48 40.23 15.51 10.28
N GLN B 49 40.92 16.31 9.48
CA GLN B 49 41.45 17.59 9.95
C GLN B 49 40.33 18.61 10.17
N ASN B 50 39.28 18.50 9.39
CA ASN B 50 38.14 19.39 9.54
C ASN B 50 37.17 18.92 10.62
N GLN B 51 37.24 17.62 10.94
CA GLN B 51 36.30 17.01 11.87
C GLN B 51 37.00 16.15 12.92
N PRO B 52 37.43 16.77 14.03
CA PRO B 52 38.01 16.02 15.15
C PRO B 52 37.05 14.98 15.72
N GLY B 53 37.55 13.80 16.04
CA GLY B 53 36.73 12.75 16.62
C GLY B 53 36.08 11.85 15.59
N ALA B 54 36.11 12.27 14.33
CA ALA B 54 35.49 11.51 13.25
C ALA B 54 36.14 10.15 13.08
N GLU B 55 37.47 10.13 13.17
CA GLU B 55 38.26 8.91 12.99
C GLU B 55 37.90 8.20 11.70
N LEU B 56 37.68 8.97 10.64
CA LEU B 56 37.34 8.44 9.33
C LEU B 56 38.51 7.67 8.74
N THR B 57 38.24 6.45 8.28
CA THR B 57 39.27 5.61 7.68
C THR B 57 38.82 5.13 6.31
N VAL B 58 39.74 4.58 5.53
CA VAL B 58 39.41 4.10 4.19
C VAL B 58 40.36 2.98 3.76
N SER B 59 39.84 2.04 2.97
CA SER B 59 40.65 1.01 2.34
C SER B 59 40.10 0.69 0.96
N VAL B 60 40.92 0.89 -0.07
CA VAL B 60 40.52 0.63 -1.44
C VAL B 60 41.10 -0.69 -1.93
N ALA B 61 40.25 -1.57 -2.45
CA ALA B 61 40.69 -2.89 -2.88
C ALA B 61 40.19 -3.22 -4.28
N PHE B 62 40.94 -4.06 -4.99
CA PHE B 62 40.61 -4.40 -6.36
C PHE B 62 40.45 -5.91 -6.55
N SER B 63 39.52 -6.31 -7.41
CA SER B 63 39.29 -7.73 -7.68
C SER B 63 40.34 -8.32 -8.60
N LYS B 64 40.33 -9.64 -8.74
CA LYS B 64 41.25 -10.36 -9.61
C LYS B 64 41.11 -9.90 -11.06
N GLY B 65 39.86 -9.77 -11.51
CA GLY B 65 39.59 -9.38 -12.88
C GLY B 65 40.07 -7.97 -13.21
N PHE B 66 39.90 -7.05 -12.28
CA PHE B 66 40.31 -5.67 -12.50
C PHE B 66 41.82 -5.49 -12.33
N TRP B 67 42.44 -6.40 -11.59
CA TRP B 67 43.87 -6.28 -11.35
C TRP B 67 44.69 -6.53 -12.62
N SER B 68 44.08 -7.21 -13.60
CA SER B 68 44.74 -7.46 -14.87
C SER B 68 45.08 -6.15 -15.58
N HIS B 69 44.25 -5.14 -15.38
CA HIS B 69 44.45 -3.83 -15.96
C HIS B 69 45.70 -3.14 -15.41
N PHE B 70 46.18 -3.59 -14.25
CA PHE B 70 47.34 -2.98 -13.61
C PHE B 70 48.66 -3.45 -14.23
N GLU B 71 49.68 -2.60 -14.15
CA GLU B 71 51.02 -2.98 -14.57
C GLU B 71 51.65 -3.88 -13.50
N MET B 72 51.43 -3.52 -12.24
CA MET B 72 51.87 -4.32 -11.11
C MET B 72 51.29 -5.73 -11.19
N ALA B 73 52.14 -6.73 -10.95
CA ALA B 73 51.70 -8.12 -10.92
C ALA B 73 50.65 -8.35 -9.84
N SER B 74 49.74 -9.28 -10.09
CA SER B 74 48.67 -9.57 -9.15
C SER B 74 49.20 -10.39 -7.97
N PRO B 75 48.54 -10.25 -6.81
CA PRO B 75 48.86 -11.08 -5.63
C PRO B 75 48.73 -12.55 -5.96
N PRO B 76 49.66 -13.38 -5.45
CA PRO B 76 49.75 -14.81 -5.74
C PRO B 76 48.44 -15.57 -5.52
N GLU B 77 47.71 -15.21 -4.47
CA GLU B 77 46.52 -15.97 -4.08
C GLU B 77 45.21 -15.31 -4.54
N LEU B 78 45.30 -14.14 -5.16
CA LEU B 78 44.10 -13.43 -5.59
C LEU B 78 43.40 -14.16 -6.74
N ILE B 79 42.16 -14.55 -6.50
CA ILE B 79 41.35 -15.25 -7.50
C ILE B 79 39.94 -14.68 -7.54
N ASP B 80 39.15 -15.10 -8.53
CA ASP B 80 37.74 -14.75 -8.59
C ASP B 80 37.00 -15.50 -7.48
N PHE B 81 35.99 -14.85 -6.92
CA PHE B 81 35.16 -15.48 -5.89
C PHE B 81 34.33 -16.59 -6.50
N PRO B 82 34.63 -17.85 -6.16
CA PRO B 82 33.89 -18.97 -6.74
C PRO B 82 32.52 -19.14 -6.11
N GLU B 83 31.53 -19.56 -6.88
CA GLU B 83 30.21 -19.86 -6.34
C GLU B 83 30.23 -21.17 -5.58
N LEU B 84 29.56 -21.19 -4.42
CA LEU B 84 29.52 -22.39 -3.59
C LEU B 84 28.09 -22.74 -3.20
N GLY B 85 27.81 -24.05 -3.10
CA GLY B 85 26.52 -24.51 -2.62
C GLY B 85 25.42 -24.52 -3.66
N GLU B 86 24.19 -24.74 -3.20
CA GLU B 86 23.03 -24.87 -4.08
C GLU B 86 21.74 -24.53 -3.35
N GLY B 87 20.84 -23.84 -4.05
CA GLY B 87 19.51 -23.53 -3.51
C GLY B 87 19.49 -22.61 -2.30
N GLU B 88 19.12 -23.18 -1.16
CA GLU B 88 18.94 -22.41 0.08
C GLU B 88 20.26 -22.17 0.79
N THR B 89 21.31 -22.86 0.33
CA THR B 89 22.64 -22.70 0.90
C THR B 89 23.61 -22.32 -0.22
N HIS B 90 23.40 -21.13 -0.78
CA HIS B 90 24.14 -20.70 -1.96
C HIS B 90 24.97 -19.44 -1.72
N ALA B 91 26.19 -19.44 -2.26
CA ALA B 91 27.08 -18.30 -2.16
C ALA B 91 27.35 -17.71 -3.54
N PRO B 92 26.53 -16.72 -3.94
CA PRO B 92 26.62 -16.08 -5.26
C PRO B 92 27.94 -15.35 -5.49
N SER B 93 28.32 -15.19 -6.75
CA SER B 93 29.51 -14.43 -7.11
C SER B 93 29.11 -13.13 -7.80
N THR B 94 29.63 -12.01 -7.31
CA THR B 94 29.27 -10.71 -7.84
C THR B 94 30.30 -10.19 -8.83
N ASP B 95 29.84 -9.68 -9.98
CA ASP B 95 30.72 -9.04 -10.94
C ASP B 95 31.06 -7.64 -10.45
N VAL B 96 32.26 -7.50 -9.89
CA VAL B 96 32.69 -6.25 -9.28
C VAL B 96 34.19 -6.04 -9.44
N ASP B 97 34.59 -4.79 -9.69
CA ASP B 97 35.99 -4.45 -9.90
C ASP B 97 36.66 -3.86 -8.66
N VAL B 98 35.92 -3.03 -7.92
CA VAL B 98 36.50 -2.23 -6.84
C VAL B 98 35.67 -2.26 -5.56
N LEU B 99 36.36 -2.38 -4.43
CA LEU B 99 35.73 -2.23 -3.13
C LEU B 99 36.22 -0.96 -2.43
N ILE B 100 35.28 -0.16 -1.95
CA ILE B 100 35.61 1.00 -1.12
C ILE B 100 35.07 0.79 0.29
N HIS B 101 35.99 0.62 1.25
CA HIS B 101 35.60 0.35 2.62
C HIS B 101 36.00 1.48 3.57
N CYS B 102 35.01 2.07 4.24
CA CYS B 102 35.23 3.13 5.21
C CYS B 102 34.51 2.82 6.51
N HIS B 103 35.07 3.27 7.64
CA HIS B 103 34.34 3.25 8.90
C HIS B 103 34.75 4.44 9.76
N ALA B 104 33.79 4.99 10.49
CA ALA B 104 34.01 6.20 11.28
C ALA B 104 33.08 6.27 12.49
N THR B 105 33.26 7.30 13.31
CA THR B 105 32.43 7.47 14.50
C THR B 105 31.14 8.22 14.18
N ARG B 106 30.98 8.60 12.92
CA ARG B 106 29.75 9.25 12.48
C ARG B 106 29.35 8.79 11.08
N HIS B 107 28.06 8.78 10.82
CA HIS B 107 27.51 8.22 9.59
C HIS B 107 27.59 9.16 8.40
N ASP B 108 27.35 10.45 8.64
CA ASP B 108 27.21 11.42 7.56
C ASP B 108 28.47 11.56 6.70
N LEU B 109 29.64 11.51 7.33
CA LEU B 109 30.90 11.68 6.61
C LEU B 109 31.18 10.50 5.65
N LEU B 110 30.53 9.37 5.91
CA LEU B 110 30.64 8.21 5.02
C LEU B 110 29.96 8.50 3.69
N PHE B 111 28.74 9.02 3.78
CA PHE B 111 28.00 9.43 2.58
C PHE B 111 28.76 10.52 1.84
N TYR B 112 29.31 11.48 2.58
CA TYR B 112 30.04 12.59 1.98
C TYR B 112 31.29 12.12 1.26
N THR B 113 32.00 11.17 1.87
CA THR B 113 33.24 10.66 1.30
C THR B 113 32.99 9.98 -0.04
N LEU B 114 31.88 9.24 -0.12
CA LEU B 114 31.54 8.54 -1.35
C LEU B 114 31.05 9.50 -2.42
N ARG B 115 30.15 10.42 -2.04
CA ARG B 115 29.61 11.38 -2.99
C ARG B 115 30.70 12.29 -3.57
N LYS B 116 31.49 12.87 -2.68
CA LYS B 116 32.58 13.76 -3.08
C LYS B 116 33.70 13.00 -3.79
N GLY B 117 33.94 11.77 -3.35
CA GLY B 117 35.03 10.97 -3.87
C GLY B 117 34.86 10.50 -5.31
N ILE B 118 33.61 10.29 -5.72
CA ILE B 118 33.34 9.79 -7.07
C ILE B 118 32.60 10.80 -7.93
N SER B 119 32.54 12.04 -7.45
CA SER B 119 31.78 13.09 -8.12
C SER B 119 32.17 13.28 -9.58
N ASP B 120 33.47 13.21 -9.86
CA ASP B 120 33.97 13.43 -11.22
C ASP B 120 33.88 12.19 -12.10
N ILE B 121 33.74 11.01 -11.49
CA ILE B 121 33.73 9.76 -12.24
C ILE B 121 32.40 9.01 -12.12
N ALA B 122 31.32 9.76 -11.93
CA ALA B 122 30.00 9.16 -11.73
C ALA B 122 29.50 8.42 -12.98
N GLN B 123 29.82 8.96 -14.15
CA GLN B 123 29.37 8.38 -15.42
C GLN B 123 30.28 7.27 -15.91
N ASP B 124 31.45 7.15 -15.28
CA ASP B 124 32.43 6.15 -15.64
C ASP B 124 32.24 4.87 -14.83
N ILE B 125 31.34 4.95 -13.85
CA ILE B 125 31.22 3.92 -12.83
C ILE B 125 29.77 3.46 -12.64
N GLU B 126 29.58 2.17 -12.40
CA GLU B 126 28.30 1.68 -11.92
C GLU B 126 28.46 1.03 -10.55
N ILE B 127 27.78 1.60 -9.55
CA ILE B 127 27.82 1.06 -8.20
C ILE B 127 26.92 -0.16 -8.07
N VAL B 128 27.53 -1.33 -7.99
CA VAL B 128 26.80 -2.60 -7.94
C VAL B 128 26.07 -2.76 -6.60
N ASP B 129 26.73 -2.34 -5.52
CA ASP B 129 26.13 -2.42 -4.20
C ASP B 129 26.70 -1.32 -3.31
N GLU B 130 25.83 -0.75 -2.46
CA GLU B 130 26.23 0.31 -1.55
C GLU B 130 25.56 0.08 -0.21
N THR B 131 26.34 -0.39 0.76
CA THR B 131 25.78 -0.77 2.06
C THR B 131 26.34 0.07 3.19
N TYR B 132 25.44 0.70 3.95
CA TYR B 132 25.82 1.46 5.13
C TYR B 132 25.59 0.63 6.38
N GLY B 133 26.67 0.21 7.02
CA GLY B 133 26.60 -0.60 8.22
C GLY B 133 26.58 0.24 9.47
N PHE B 134 26.03 -0.32 10.55
CA PHE B 134 25.99 0.38 11.83
C PHE B 134 26.11 -0.60 12.98
N ARG B 135 26.86 -0.21 14.00
CA ARG B 135 26.95 -1.00 15.22
C ARG B 135 25.56 -1.11 15.84
N TYR B 136 25.18 -2.35 16.18
CA TYR B 136 23.83 -2.61 16.66
C TYR B 136 23.85 -3.04 18.12
N LEU B 137 23.34 -2.17 18.99
CA LEU B 137 23.38 -2.37 20.44
C LEU B 137 24.82 -2.56 20.91
N ASP B 138 25.04 -3.49 21.82
CA ASP B 138 26.40 -3.77 22.29
C ASP B 138 27.12 -4.71 21.35
N ALA B 139 27.48 -4.19 20.18
CA ALA B 139 28.19 -4.95 19.15
C ALA B 139 27.51 -6.27 18.83
N ARG B 140 26.20 -6.22 18.64
CA ARG B 140 25.43 -7.43 18.36
C ARG B 140 24.99 -7.49 16.90
N ASP B 141 24.90 -8.71 16.37
CA ASP B 141 24.24 -8.95 15.10
C ASP B 141 22.74 -8.88 15.36
N MET B 142 21.96 -8.69 14.31
CA MET B 142 20.50 -8.62 14.45
C MET B 142 19.90 -9.95 14.87
N THR B 143 20.76 -10.96 14.95
CA THR B 143 20.37 -12.29 15.41
C THR B 143 20.32 -12.32 16.93
N GLY B 144 20.84 -11.26 17.56
CA GLY B 144 20.82 -11.14 19.00
C GLY B 144 22.12 -11.59 19.65
N PHE B 145 23.00 -12.18 18.85
CA PHE B 145 24.29 -12.65 19.34
C PHE B 145 25.38 -11.62 19.10
N ILE B 146 26.32 -11.52 20.02
CA ILE B 146 27.44 -10.60 19.87
C ILE B 146 28.36 -11.07 18.75
N ASP B 147 28.75 -10.13 17.88
CA ASP B 147 29.65 -10.46 16.77
C ASP B 147 31.02 -9.81 16.96
N GLY B 148 32.06 -10.62 16.91
CA GLY B 148 33.42 -10.12 17.04
C GLY B 148 34.10 -10.54 18.33
N THR B 149 33.49 -11.49 19.05
CA THR B 149 34.02 -11.94 20.33
C THR B 149 35.44 -12.50 20.22
N GLU B 150 35.67 -13.39 19.27
CA GLU B 150 36.97 -13.99 19.08
C GLU B 150 37.78 -13.30 17.97
N ASN B 151 37.30 -12.13 17.54
CA ASN B 151 38.01 -11.34 16.55
C ASN B 151 39.34 -10.86 17.13
N PRO B 152 40.44 -11.05 16.38
CA PRO B 152 41.79 -10.68 16.82
C PRO B 152 41.86 -9.26 17.38
N LYS B 153 42.75 -9.04 18.35
CA LYS B 153 42.82 -7.75 19.04
C LYS B 153 44.26 -7.26 19.15
N ALA B 154 44.43 -5.94 19.10
CA ALA B 154 45.73 -5.31 19.25
C ALA B 154 46.75 -5.78 18.21
N GLU B 155 47.89 -6.29 18.68
CA GLU B 155 49.02 -6.58 17.81
C GLU B 155 48.81 -7.74 16.84
N LYS B 156 48.01 -8.72 17.23
CA LYS B 156 47.83 -9.91 16.39
C LYS B 156 46.93 -9.62 15.19
N ARG B 157 46.22 -8.50 15.23
CA ARG B 157 45.45 -8.04 14.08
C ARG B 157 46.36 -7.80 12.88
N ALA B 158 47.53 -7.21 13.13
CA ALA B 158 48.48 -6.89 12.08
C ALA B 158 49.06 -8.14 11.41
N GLU B 159 49.35 -9.17 12.21
CA GLU B 159 49.97 -10.37 11.67
C GLU B 159 48.95 -11.37 11.13
N VAL B 160 47.67 -11.11 11.41
CA VAL B 160 46.60 -11.94 10.85
C VAL B 160 46.09 -11.35 9.53
N ALA B 161 45.96 -10.02 9.49
CA ALA B 161 45.40 -9.35 8.32
C ALA B 161 46.42 -9.06 7.23
N LEU B 162 47.61 -8.61 7.62
CA LEU B 162 48.58 -8.09 6.67
C LEU B 162 49.59 -9.11 6.17
N VAL B 163 49.90 -9.04 4.88
CA VAL B 163 50.98 -9.83 4.29
C VAL B 163 52.31 -9.41 4.92
N ALA B 164 53.11 -10.39 5.32
CA ALA B 164 54.33 -10.11 6.08
C ALA B 164 55.49 -9.62 5.21
N ASP B 165 55.68 -10.26 4.04
CA ASP B 165 56.87 -10.01 3.23
C ASP B 165 56.56 -9.87 1.74
N GLY B 166 57.56 -9.46 0.98
CA GLY B 166 57.43 -9.35 -0.47
C GLY B 166 56.93 -8.00 -0.95
N ASP B 167 56.60 -7.92 -2.24
CA ASP B 167 56.12 -6.68 -2.83
C ASP B 167 54.76 -6.26 -2.26
N PHE B 168 53.98 -7.24 -1.83
CA PHE B 168 52.62 -6.99 -1.36
C PHE B 168 52.54 -6.83 0.16
N ALA B 169 53.70 -6.69 0.80
CA ALA B 169 53.77 -6.50 2.24
C ALA B 169 53.02 -5.25 2.68
N GLY B 170 52.13 -5.41 3.65
CA GLY B 170 51.30 -4.31 4.11
C GLY B 170 49.94 -4.38 3.44
N GLY B 171 49.83 -5.24 2.42
CA GLY B 171 48.56 -5.46 1.76
C GLY B 171 47.77 -6.55 2.45
N SER B 172 46.52 -6.72 2.06
CA SER B 172 45.64 -7.68 2.72
C SER B 172 44.58 -8.23 1.77
N TYR B 173 44.31 -9.53 1.89
CA TYR B 173 43.25 -10.16 1.10
C TYR B 173 41.88 -9.88 1.72
N VAL B 174 40.90 -9.61 0.88
CA VAL B 174 39.58 -9.22 1.36
C VAL B 174 38.47 -10.11 0.79
N MET B 175 37.47 -10.38 1.61
CA MET B 175 36.25 -11.03 1.15
C MET B 175 35.05 -10.26 1.68
N VAL B 176 33.98 -10.20 0.90
CA VAL B 176 32.74 -9.58 1.36
C VAL B 176 31.53 -10.38 0.90
N GLN B 177 30.54 -10.49 1.79
CA GLN B 177 29.28 -11.14 1.49
C GLN B 177 28.15 -10.41 2.20
N ARG B 178 27.21 -9.85 1.43
CA ARG B 178 26.05 -9.23 2.04
C ARG B 178 25.00 -10.27 2.35
N PHE B 179 24.70 -10.44 3.63
CA PHE B 179 23.72 -11.42 4.06
C PHE B 179 22.36 -10.81 4.34
N VAL B 180 21.30 -11.50 3.93
CA VAL B 180 19.94 -11.09 4.22
C VAL B 180 19.32 -12.07 5.22
N HIS B 181 18.85 -11.54 6.34
CA HIS B 181 18.38 -12.37 7.45
C HIS B 181 16.88 -12.70 7.36
N ASN B 182 16.52 -13.89 7.82
CA ASN B 182 15.13 -14.27 8.01
C ASN B 182 14.83 -14.26 9.51
N LEU B 183 14.59 -13.08 10.05
CA LEU B 183 14.38 -12.92 11.49
C LEU B 183 13.18 -13.67 12.07
N PRO B 184 12.03 -13.70 11.37
CA PRO B 184 10.91 -14.47 11.95
C PRO B 184 11.22 -15.95 12.12
N ALA B 185 11.85 -16.57 11.12
CA ALA B 185 12.22 -17.98 11.19
C ALA B 185 13.22 -18.22 12.32
N TRP B 186 14.14 -17.26 12.50
CA TRP B 186 15.14 -17.36 13.56
C TRP B 186 14.51 -17.14 14.92
N ASN B 187 13.44 -16.33 14.96
CA ASN B 187 12.75 -16.03 16.20
C ASN B 187 12.02 -17.24 16.79
N ARG B 188 11.67 -18.18 15.92
CA ARG B 188 10.93 -19.37 16.34
C ARG B 188 11.75 -20.22 17.32
N LEU B 189 13.06 -20.28 17.09
CA LEU B 189 13.95 -21.06 17.94
C LEU B 189 14.15 -20.42 19.31
N ASN B 190 14.21 -21.26 20.35
CA ASN B 190 14.43 -20.79 21.70
C ASN B 190 15.91 -20.46 21.93
N LEU B 191 16.21 -19.91 23.11
CA LEU B 191 17.56 -19.50 23.47
C LEU B 191 18.58 -20.62 23.31
N ALA B 192 18.30 -21.77 23.91
CA ALA B 192 19.22 -22.90 23.89
C ALA B 192 19.46 -23.39 22.47
N ALA B 193 18.38 -23.48 21.68
CA ALA B 193 18.46 -23.92 20.30
C ALA B 193 19.28 -22.96 19.44
N GLN B 194 19.08 -21.67 19.66
CA GLN B 194 19.83 -20.65 18.93
C GLN B 194 21.31 -20.73 19.27
N GLU B 195 21.61 -21.05 20.52
CA GLU B 195 22.99 -21.18 20.96
C GLU B 195 23.65 -22.41 20.34
N LYS B 196 22.83 -23.39 19.99
CA LYS B 196 23.33 -24.60 19.33
C LYS B 196 23.65 -24.32 17.87
N VAL B 197 22.90 -23.39 17.27
CA VAL B 197 23.13 -22.98 15.90
C VAL B 197 24.42 -22.16 15.78
N ILE B 198 24.57 -21.19 16.68
CA ILE B 198 25.75 -20.33 16.67
C ILE B 198 26.98 -21.06 17.22
N GLY B 199 26.83 -21.65 18.40
CA GLY B 199 27.92 -22.35 19.05
C GLY B 199 28.42 -21.61 20.26
N ARG B 200 27.79 -20.49 20.58
CA ARG B 200 28.13 -19.70 21.76
C ARG B 200 26.88 -19.25 22.51
N THR B 201 27.06 -18.87 23.77
CA THR B 201 25.96 -18.35 24.58
C THR B 201 25.54 -17.00 24.03
N LYS B 202 24.25 -16.67 24.14
CA LYS B 202 23.72 -15.45 23.55
C LYS B 202 23.98 -14.18 24.38
N PRO B 203 23.70 -14.21 25.70
CA PRO B 203 23.90 -12.94 26.42
C PRO B 203 25.36 -12.55 26.62
N ASP B 204 26.24 -13.51 26.89
CA ASP B 204 27.63 -13.18 27.22
C ASP B 204 28.66 -13.78 26.26
N SER B 205 28.19 -14.44 25.21
CA SER B 205 29.06 -14.95 24.14
C SER B 205 30.17 -15.87 24.65
N VAL B 206 29.86 -16.69 25.64
CA VAL B 206 30.81 -17.68 26.12
C VAL B 206 30.66 -18.96 25.30
N GLU B 207 31.77 -19.48 24.79
CA GLU B 207 31.76 -20.67 23.95
C GLU B 207 31.18 -21.87 24.69
N LEU B 208 30.31 -22.62 24.01
CA LEU B 208 29.72 -23.81 24.59
C LEU B 208 30.77 -24.87 24.85
N GLU B 209 30.59 -25.64 25.92
CA GLU B 209 31.52 -26.71 26.27
C GLU B 209 31.53 -27.77 25.18
N ASN B 210 30.34 -28.06 24.64
CA ASN B 210 30.21 -28.97 23.51
C ASN B 210 29.73 -28.20 22.27
N VAL B 211 30.69 -27.75 21.46
CA VAL B 211 30.37 -27.03 20.22
C VAL B 211 30.01 -28.00 19.10
N PRO B 212 28.77 -27.94 18.61
CA PRO B 212 28.33 -28.80 17.52
C PRO B 212 29.18 -28.56 16.28
N ALA B 213 29.48 -29.62 15.54
CA ALA B 213 30.32 -29.50 14.35
C ALA B 213 29.61 -28.70 13.26
N ALA B 214 28.29 -28.78 13.25
CA ALA B 214 27.48 -28.09 12.24
C ALA B 214 27.12 -26.67 12.68
N SER B 215 27.43 -26.33 13.92
CA SER B 215 27.22 -24.96 14.39
C SER B 215 28.18 -24.03 13.66
N HIS B 216 27.86 -22.74 13.66
CA HIS B 216 28.65 -21.78 12.91
C HIS B 216 30.11 -21.73 13.35
N VAL B 217 30.33 -21.60 14.66
CA VAL B 217 31.68 -21.61 15.20
C VAL B 217 32.34 -22.95 14.92
N GLY B 218 31.57 -24.03 14.99
CA GLY B 218 32.06 -25.35 14.66
C GLY B 218 32.54 -25.43 13.22
N ARG B 219 31.94 -24.62 12.35
CA ARG B 219 32.30 -24.59 10.94
C ARG B 219 33.53 -23.72 10.67
N VAL B 220 33.66 -22.61 11.41
CA VAL B 220 34.68 -21.62 11.10
C VAL B 220 35.89 -21.69 12.03
N ASP B 221 35.75 -22.37 13.17
CA ASP B 221 36.90 -22.57 14.05
C ASP B 221 37.72 -23.74 13.54
N ILE B 222 38.56 -23.47 12.54
CA ILE B 222 39.34 -24.51 11.89
C ILE B 222 40.83 -24.36 12.20
N LYS B 223 41.44 -25.45 12.68
CA LYS B 223 42.89 -25.50 12.84
C LYS B 223 43.43 -26.73 12.11
N GLU B 224 44.44 -26.52 11.27
CA GLU B 224 44.95 -27.56 10.39
C GLU B 224 46.47 -27.63 10.41
N GLU B 225 47.10 -26.62 11.01
CA GLU B 225 48.55 -26.47 11.00
C GLU B 225 49.40 -27.39 11.91
N GLY B 226 48.98 -27.71 13.15
CA GLY B 226 47.71 -27.36 13.75
C GLY B 226 47.69 -26.05 14.52
N LYS B 227 47.11 -25.04 13.90
CA LYS B 227 47.00 -23.70 14.48
C LYS B 227 45.84 -23.02 13.79
N GLY B 228 45.01 -22.34 14.59
CA GLY B 228 43.77 -21.78 14.11
C GLY B 228 43.86 -20.86 12.90
N LEU B 229 42.99 -21.06 11.92
CA LEU B 229 42.89 -20.15 10.78
C LEU B 229 42.15 -18.90 11.22
N LYS B 230 42.88 -17.80 11.30
CA LYS B 230 42.31 -16.57 11.83
C LYS B 230 42.14 -15.49 10.76
N ILE B 231 41.08 -14.71 10.91
CA ILE B 231 40.80 -13.59 10.01
C ILE B 231 40.43 -12.36 10.84
N VAL B 232 40.56 -11.18 10.22
CA VAL B 232 40.15 -9.94 10.86
C VAL B 232 38.86 -9.44 10.23
N ARG B 233 37.76 -9.55 10.97
CA ARG B 233 36.45 -9.17 10.46
C ARG B 233 36.10 -7.71 10.73
N HIS B 234 35.50 -7.06 9.76
CA HIS B 234 35.04 -5.68 9.91
C HIS B 234 33.55 -5.58 9.63
N SER B 235 32.86 -6.70 9.78
CA SER B 235 31.44 -6.78 9.47
C SER B 235 30.61 -5.86 10.36
N LEU B 236 29.41 -5.55 9.89
CA LEU B 236 28.50 -4.67 10.62
C LEU B 236 27.08 -4.87 10.10
N PRO B 237 26.09 -4.89 11.03
CA PRO B 237 24.68 -4.99 10.67
C PRO B 237 24.23 -3.87 9.75
N TYR B 238 23.17 -4.08 8.99
CA TYR B 238 22.70 -3.09 8.02
C TYR B 238 21.22 -3.25 7.71
N GLY B 239 20.65 -2.27 7.01
CA GLY B 239 19.35 -2.43 6.39
C GLY B 239 18.16 -1.84 7.10
N SER B 240 16.99 -2.12 6.56
CA SER B 240 15.73 -1.61 7.10
C SER B 240 14.77 -2.75 7.41
N VAL B 241 13.73 -2.46 8.18
CA VAL B 241 12.75 -3.47 8.59
C VAL B 241 11.94 -4.01 7.41
N SER B 242 11.52 -3.12 6.53
CA SER B 242 10.67 -3.49 5.41
C SER B 242 11.46 -3.94 4.18
N GLY B 243 12.78 -3.80 4.23
CA GLY B 243 13.64 -4.21 3.14
C GLY B 243 14.68 -5.22 3.59
N ASP B 244 15.77 -5.32 2.83
CA ASP B 244 16.88 -6.19 3.20
C ASP B 244 17.49 -5.73 4.52
N HIS B 245 17.70 -6.69 5.42
CA HIS B 245 18.43 -6.42 6.65
C HIS B 245 19.19 -7.66 7.08
N GLY B 246 20.37 -7.45 7.65
CA GLY B 246 21.20 -8.54 8.09
C GLY B 246 22.62 -8.09 8.37
N LEU B 247 23.58 -8.81 7.83
CA LEU B 247 24.99 -8.53 8.08
C LEU B 247 25.78 -8.35 6.80
N LEU B 248 26.49 -7.24 6.70
CA LEU B 248 27.47 -7.07 5.65
C LEU B 248 28.77 -7.68 6.13
N PHE B 249 29.01 -8.93 5.76
CA PHE B 249 30.22 -9.59 6.20
C PHE B 249 31.40 -9.14 5.35
N ILE B 250 32.50 -8.78 6.03
CA ILE B 250 33.74 -8.44 5.36
C ILE B 250 34.90 -8.85 6.27
N ALA B 251 35.95 -9.39 5.67
CA ALA B 251 37.10 -9.86 6.44
C ALA B 251 38.41 -9.62 5.71
N TYR B 252 39.46 -9.37 6.47
CA TYR B 252 40.80 -9.20 5.92
C TYR B 252 41.70 -10.33 6.43
N CYS B 253 42.62 -10.78 5.60
CA CYS B 253 43.55 -11.84 6.01
C CYS B 253 44.83 -11.84 5.18
N HIS B 254 45.92 -12.26 5.80
CA HIS B 254 47.22 -12.29 5.14
C HIS B 254 47.27 -13.33 4.03
N THR B 255 46.32 -14.27 4.07
CA THR B 255 46.21 -15.29 3.05
C THR B 255 44.74 -15.56 2.72
N LEU B 256 44.44 -15.69 1.43
CA LEU B 256 43.08 -15.93 0.99
C LEU B 256 42.65 -17.35 1.31
N HIS B 257 43.62 -18.19 1.64
CA HIS B 257 43.38 -19.60 1.95
C HIS B 257 42.39 -19.78 3.10
N ASN B 258 42.46 -18.90 4.10
CA ASN B 258 41.56 -18.97 5.25
C ASN B 258 40.11 -18.74 4.87
N PHE B 259 39.87 -17.78 3.98
CA PHE B 259 38.53 -17.50 3.48
C PHE B 259 37.95 -18.73 2.80
N LYS B 260 38.73 -19.30 1.89
CA LYS B 260 38.33 -20.44 1.08
C LYS B 260 38.01 -21.66 1.94
N THR B 261 38.81 -21.86 2.99
CA THR B 261 38.62 -23.01 3.87
C THR B 261 37.34 -22.89 4.70
N MET B 262 37.12 -21.71 5.26
CA MET B 262 35.92 -21.45 6.06
C MET B 262 34.66 -21.54 5.22
N LEU B 263 34.71 -20.98 4.00
CA LEU B 263 33.55 -20.98 3.11
C LEU B 263 33.22 -22.37 2.61
N GLU B 264 34.24 -23.16 2.29
CA GLU B 264 34.04 -24.53 1.85
C GLU B 264 33.53 -25.40 2.99
N SER B 265 33.87 -25.01 4.22
CA SER B 265 33.38 -25.70 5.40
C SER B 265 31.94 -25.33 5.68
N MET B 266 31.61 -24.06 5.45
CA MET B 266 30.26 -23.56 5.72
C MET B 266 29.24 -24.05 4.71
N TYR B 267 29.66 -24.14 3.45
CA TYR B 267 28.72 -24.44 2.37
C TYR B 267 28.79 -25.90 1.91
N GLY B 268 29.27 -26.77 2.79
CA GLY B 268 29.21 -28.21 2.58
C GLY B 268 30.14 -28.80 1.54
N VAL B 269 31.22 -28.09 1.21
CA VAL B 269 32.21 -28.59 0.27
C VAL B 269 33.19 -29.54 0.96
N THR B 270 33.55 -29.20 2.20
CA THR B 270 34.53 -29.97 2.95
C THR B 270 33.95 -31.25 3.54
N ASP B 271 32.92 -31.11 4.38
CA ASP B 271 32.35 -32.23 5.11
C ASP B 271 31.10 -32.80 4.46
N GLY B 272 30.40 -31.96 3.71
CA GLY B 272 29.10 -32.32 3.17
C GLY B 272 28.01 -31.72 4.03
N LYS B 273 28.39 -31.24 5.21
CA LYS B 273 27.46 -30.56 6.10
C LYS B 273 27.50 -29.05 5.91
N THR B 274 26.34 -28.43 5.90
CA THR B 274 26.25 -26.97 5.77
C THR B 274 26.12 -26.31 7.13
N ASP B 275 26.38 -25.01 7.16
CA ASP B 275 26.28 -24.23 8.38
C ASP B 275 24.82 -24.10 8.81
N GLN B 276 24.57 -24.34 10.09
CA GLN B 276 23.22 -24.20 10.65
C GLN B 276 22.74 -22.76 10.58
N LEU B 277 23.68 -21.82 10.67
CA LEU B 277 23.35 -20.40 10.59
C LEU B 277 22.75 -20.04 9.23
N LEU B 278 23.18 -20.75 8.19
CA LEU B 278 22.73 -20.47 6.83
C LEU B 278 21.28 -20.91 6.59
N ARG B 279 20.65 -21.45 7.62
CA ARG B 279 19.23 -21.77 7.57
C ARG B 279 18.39 -20.51 7.75
N PHE B 280 19.00 -19.48 8.30
CA PHE B 280 18.28 -18.28 8.69
C PHE B 280 18.85 -17.02 8.04
N THR B 281 19.82 -17.20 7.16
CA THR B 281 20.39 -16.08 6.41
C THR B 281 20.92 -16.56 5.07
N LYS B 282 20.96 -15.65 4.10
CA LYS B 282 21.41 -15.98 2.75
C LYS B 282 22.34 -14.89 2.19
N ALA B 283 23.44 -15.30 1.58
CA ALA B 283 24.34 -14.37 0.93
C ALA B 283 23.75 -13.89 -0.39
N VAL B 284 23.78 -12.59 -0.62
CA VAL B 284 23.23 -12.02 -1.84
C VAL B 284 24.36 -11.47 -2.73
N THR B 285 25.51 -11.25 -2.13
CA THR B 285 26.71 -10.85 -2.87
C THR B 285 27.90 -11.69 -2.40
N GLY B 286 28.97 -11.66 -3.18
CA GLY B 286 30.19 -12.38 -2.82
C GLY B 286 31.34 -11.98 -3.72
N ALA B 287 32.46 -11.60 -3.12
CA ALA B 287 33.60 -11.14 -3.91
C ALA B 287 34.93 -11.22 -3.13
N TYR B 288 36.00 -11.49 -3.87
CA TYR B 288 37.35 -11.44 -3.32
C TYR B 288 38.07 -10.19 -3.82
N PHE B 289 38.90 -9.61 -2.96
CA PHE B 289 39.71 -8.45 -3.32
C PHE B 289 41.10 -8.56 -2.72
N PHE B 290 41.98 -7.65 -3.14
CA PHE B 290 43.22 -7.43 -2.42
C PHE B 290 43.40 -5.94 -2.17
N ALA B 291 43.49 -5.57 -0.90
CA ALA B 291 43.75 -4.20 -0.53
C ALA B 291 45.25 -3.99 -0.37
N PRO B 292 45.86 -3.27 -1.32
CA PRO B 292 47.32 -3.08 -1.26
C PRO B 292 47.71 -2.12 -0.16
N SER B 293 49.00 -2.02 0.12
CA SER B 293 49.52 -1.03 1.04
C SER B 293 49.26 0.37 0.48
N GLN B 294 49.44 1.39 1.32
CA GLN B 294 49.22 2.77 0.90
C GLN B 294 50.14 3.14 -0.24
N VAL B 295 51.38 2.66 -0.18
CA VAL B 295 52.39 2.97 -1.18
C VAL B 295 52.04 2.36 -2.54
N MET B 296 51.74 1.05 -2.54
CA MET B 296 51.40 0.36 -3.78
C MET B 296 50.16 0.97 -4.43
N LEU B 297 49.18 1.35 -3.60
CA LEU B 297 47.96 1.97 -4.08
C LEU B 297 48.26 3.24 -4.89
N GLN B 298 49.23 4.02 -4.42
CA GLN B 298 49.60 5.26 -5.09
C GLN B 298 50.53 4.99 -6.28
N GLU B 299 51.05 3.77 -6.37
CA GLU B 299 51.98 3.42 -7.44
C GLU B 299 51.33 2.56 -8.53
N LEU B 300 50.07 2.21 -8.34
CA LEU B 300 49.34 1.40 -9.32
C LEU B 300 49.12 2.19 -10.60
N THR B 301 49.38 1.56 -11.74
CA THR B 301 49.18 2.19 -13.03
C THR B 301 48.59 1.21 -14.04
N LEU B 302 47.76 1.74 -14.95
CA LEU B 302 47.15 0.91 -15.98
C LEU B 302 48.14 0.58 -17.08
N LYS B 303 47.85 -0.48 -17.85
CA LYS B 303 48.75 -0.93 -18.90
C LYS B 303 48.25 -0.49 -20.26
N LYS C 6 -52.87 -7.12 -0.94
CA LYS C 6 -51.81 -7.34 -1.91
C LYS C 6 -50.48 -6.78 -1.39
N SER C 7 -49.47 -7.64 -1.30
CA SER C 7 -48.18 -7.24 -0.73
C SER C 7 -47.23 -6.65 -1.76
N GLN C 8 -46.26 -5.87 -1.30
CA GLN C 8 -45.28 -5.26 -2.20
C GLN C 8 -44.43 -6.34 -2.88
N THR C 9 -44.13 -6.11 -4.16
CA THR C 9 -43.65 -7.16 -5.05
C THR C 9 -42.32 -7.83 -4.66
N ALA C 10 -41.58 -7.27 -3.71
CA ALA C 10 -40.26 -7.81 -3.39
C ALA C 10 -40.31 -8.97 -2.39
N ILE C 11 -41.39 -9.03 -1.62
CA ILE C 11 -41.46 -9.95 -0.49
C ILE C 11 -41.68 -11.41 -0.90
N LEU C 12 -42.84 -11.68 -1.50
CA LEU C 12 -43.27 -13.05 -1.81
C LEU C 12 -42.35 -13.84 -2.76
N PRO C 13 -41.93 -13.26 -3.91
CA PRO C 13 -41.11 -14.07 -4.81
C PRO C 13 -39.76 -14.44 -4.22
N GLU C 14 -39.18 -15.54 -4.69
CA GLU C 14 -37.83 -15.92 -4.30
C GLU C 14 -36.87 -14.82 -4.73
N ALA C 15 -35.83 -14.60 -3.93
CA ALA C 15 -34.85 -13.56 -4.24
C ALA C 15 -34.18 -13.81 -5.58
N GLY C 16 -34.00 -12.76 -6.37
CA GLY C 16 -33.29 -12.84 -7.64
C GLY C 16 -31.79 -12.91 -7.39
N PRO C 17 -31.02 -13.10 -8.47
CA PRO C 17 -29.55 -13.24 -8.36
C PRO C 17 -28.85 -11.96 -7.92
N PHE C 18 -29.59 -10.85 -7.89
CA PHE C 18 -29.04 -9.57 -7.42
C PHE C 18 -30.06 -8.82 -6.59
N ALA C 19 -29.59 -8.13 -5.55
CA ALA C 19 -30.49 -7.41 -4.67
C ALA C 19 -29.88 -6.12 -4.14
N LEU C 20 -30.74 -5.18 -3.79
CA LEU C 20 -30.32 -3.91 -3.20
C LEU C 20 -31.01 -3.69 -1.86
N TYR C 21 -30.22 -3.31 -0.86
CA TYR C 21 -30.76 -3.02 0.47
C TYR C 21 -30.27 -1.66 0.93
N THR C 22 -31.17 -0.68 0.94
CA THR C 22 -30.80 0.68 1.32
C THR C 22 -31.43 1.09 2.65
N LEU C 23 -30.57 1.55 3.57
CA LEU C 23 -31.03 2.13 4.82
C LEU C 23 -30.78 3.63 4.79
N LEU C 24 -31.81 4.42 5.02
CA LEU C 24 -31.66 5.88 4.96
C LEU C 24 -32.41 6.59 6.07
N LYS C 25 -31.93 7.79 6.40
CA LYS C 25 -32.53 8.61 7.44
C LYS C 25 -33.11 9.87 6.82
N VAL C 26 -34.32 10.25 7.24
CA VAL C 26 -34.99 11.41 6.70
C VAL C 26 -34.67 12.65 7.54
N ARG C 27 -33.88 13.56 6.98
CA ARG C 27 -33.44 14.76 7.68
C ARG C 27 -34.32 15.95 7.36
N GLN C 28 -34.86 15.98 6.14
CA GLN C 28 -35.40 17.20 5.58
C GLN C 28 -36.59 16.93 4.65
N ASN C 29 -37.47 17.91 4.52
CA ASN C 29 -38.62 17.85 3.59
C ASN C 29 -39.34 16.49 3.58
N HIS C 30 -39.86 16.10 4.74
CA HIS C 30 -40.44 14.78 4.93
C HIS C 30 -41.54 14.43 3.93
N ALA C 31 -42.34 15.43 3.55
CA ALA C 31 -43.44 15.21 2.62
C ALA C 31 -42.94 14.85 1.22
N HIS C 32 -41.84 15.49 0.82
CA HIS C 32 -41.25 15.24 -0.49
C HIS C 32 -40.64 13.84 -0.54
N VAL C 33 -39.96 13.48 0.53
CA VAL C 33 -39.33 12.17 0.63
C VAL C 33 -40.36 11.05 0.57
N LEU C 34 -41.45 11.21 1.32
CA LEU C 34 -42.52 10.22 1.35
C LEU C 34 -43.14 10.05 -0.03
N GLN C 35 -43.34 11.15 -0.75
CA GLN C 35 -43.89 11.11 -2.10
C GLN C 35 -42.97 10.36 -3.05
N ALA C 36 -41.67 10.60 -2.93
CA ALA C 36 -40.68 9.95 -3.77
C ALA C 36 -40.66 8.45 -3.51
N LEU C 37 -40.86 8.06 -2.26
CA LEU C 37 -40.87 6.64 -1.88
C LEU C 37 -42.11 5.95 -2.42
N LYS C 38 -43.23 6.67 -2.45
CA LYS C 38 -44.47 6.12 -2.99
C LYS C 38 -44.39 5.93 -4.49
N ALA C 39 -43.56 6.75 -5.14
CA ALA C 39 -43.45 6.72 -6.59
C ALA C 39 -42.54 5.60 -7.08
N LEU C 40 -41.92 4.89 -6.14
CA LEU C 40 -41.00 3.82 -6.48
C LEU C 40 -41.68 2.62 -7.17
N PRO C 41 -42.84 2.16 -6.67
CA PRO C 41 -43.50 1.07 -7.41
C PRO C 41 -43.84 1.44 -8.86
N ALA C 42 -44.28 2.67 -9.10
CA ALA C 42 -44.61 3.13 -10.44
C ALA C 42 -43.37 3.11 -11.32
N LEU C 43 -42.23 3.52 -10.75
CA LEU C 43 -40.97 3.52 -11.46
C LEU C 43 -40.55 2.11 -11.85
N VAL C 44 -40.66 1.19 -10.90
CA VAL C 44 -40.31 -0.21 -11.10
C VAL C 44 -41.18 -0.86 -12.19
N GLU C 45 -42.47 -0.58 -12.15
CA GLU C 45 -43.39 -1.10 -13.17
C GLU C 45 -43.00 -0.58 -14.55
N GLU C 46 -42.60 0.68 -14.62
CA GLU C 46 -42.21 1.29 -15.89
C GLU C 46 -40.90 0.69 -16.41
N ILE C 47 -39.97 0.44 -15.51
CA ILE C 47 -38.71 -0.20 -15.87
C ILE C 47 -38.96 -1.61 -16.40
N ASN C 48 -39.80 -2.36 -15.71
CA ASN C 48 -40.17 -3.70 -16.13
C ASN C 48 -40.79 -3.73 -17.52
N GLN C 49 -41.62 -2.73 -17.84
CA GLN C 49 -42.21 -2.63 -19.17
C GLN C 49 -41.14 -2.35 -20.22
N ASN C 50 -40.10 -1.63 -19.81
CA ASN C 50 -39.01 -1.29 -20.72
C ASN C 50 -37.97 -2.42 -20.82
N GLN C 51 -37.89 -3.23 -19.77
CA GLN C 51 -36.88 -4.28 -19.71
C GLN C 51 -37.47 -5.64 -19.33
N PRO C 52 -37.95 -6.39 -20.33
CA PRO C 52 -38.45 -7.75 -20.10
C PRO C 52 -37.37 -8.68 -19.55
N GLY C 53 -37.74 -9.55 -18.61
CA GLY C 53 -36.80 -10.51 -18.04
C GLY C 53 -36.08 -9.99 -16.81
N ALA C 54 -36.21 -8.68 -16.56
CA ALA C 54 -35.55 -8.06 -15.42
C ALA C 54 -36.16 -8.52 -14.10
N GLU C 55 -37.48 -8.64 -14.08
CA GLU C 55 -38.23 -9.05 -12.90
C GLU C 55 -37.87 -8.19 -11.69
N LEU C 56 -37.77 -6.88 -11.92
CA LEU C 56 -37.45 -5.93 -10.87
C LEU C 56 -38.60 -5.83 -9.87
N THR C 57 -38.26 -5.92 -8.59
CA THR C 57 -39.26 -5.83 -7.54
C THR C 57 -38.85 -4.80 -6.51
N VAL C 58 -39.79 -4.38 -5.66
CA VAL C 58 -39.50 -3.34 -4.69
C VAL C 58 -40.40 -3.47 -3.44
N SER C 59 -39.84 -3.10 -2.30
CA SER C 59 -40.59 -3.07 -1.05
C SER C 59 -40.06 -1.95 -0.17
N VAL C 60 -40.92 -1.00 0.16
CA VAL C 60 -40.54 0.12 1.02
C VAL C 60 -41.08 -0.09 2.42
N ALA C 61 -40.20 -0.04 3.41
CA ALA C 61 -40.59 -0.26 4.80
C ALA C 61 -40.12 0.87 5.70
N PHE C 62 -40.86 1.11 6.79
CA PHE C 62 -40.56 2.23 7.68
C PHE C 62 -40.34 1.76 9.12
N SER C 63 -39.42 2.44 9.82
CA SER C 63 -39.09 2.06 11.18
C SER C 63 -40.13 2.54 12.18
N LYS C 64 -39.99 2.11 13.43
CA LYS C 64 -40.86 2.51 14.51
C LYS C 64 -40.84 4.02 14.73
N GLY C 65 -39.64 4.59 14.67
CA GLY C 65 -39.46 6.01 14.92
C GLY C 65 -40.07 6.88 13.85
N PHE C 66 -40.02 6.42 12.61
CA PHE C 66 -40.52 7.21 11.49
C PHE C 66 -42.02 7.01 11.28
N TRP C 67 -42.55 5.91 11.78
CA TRP C 67 -43.98 5.62 11.63
C TRP C 67 -44.81 6.59 12.46
N SER C 68 -44.19 7.19 13.47
CA SER C 68 -44.86 8.16 14.32
C SER C 68 -45.15 9.45 13.54
N HIS C 69 -44.38 9.69 12.49
CA HIS C 69 -44.58 10.85 11.63
C HIS C 69 -45.80 10.64 10.73
N PHE C 70 -46.08 9.37 10.44
CA PHE C 70 -47.29 9.00 9.72
C PHE C 70 -48.52 9.26 10.59
N GLU C 71 -49.63 9.64 9.97
CA GLU C 71 -50.85 9.88 10.72
C GLU C 71 -51.53 8.56 11.07
N MET C 72 -51.65 7.68 10.08
CA MET C 72 -52.31 6.39 10.24
C MET C 72 -51.73 5.58 11.39
N ALA C 73 -52.53 4.66 11.94
CA ALA C 73 -52.16 3.87 13.11
C ALA C 73 -50.87 3.07 12.90
N SER C 74 -50.17 2.80 13.99
CA SER C 74 -48.93 2.04 13.93
C SER C 74 -49.18 0.54 14.02
N PRO C 75 -48.34 -0.27 13.36
CA PRO C 75 -48.41 -1.73 13.49
C PRO C 75 -48.21 -2.14 14.94
N PRO C 76 -49.09 -3.00 15.47
CA PRO C 76 -49.15 -3.37 16.89
C PRO C 76 -47.84 -3.91 17.47
N GLU C 77 -46.99 -4.50 16.63
CA GLU C 77 -45.78 -5.15 17.13
C GLU C 77 -44.50 -4.40 16.75
N LEU C 78 -44.64 -3.34 15.96
CA LEU C 78 -43.48 -2.59 15.49
C LEU C 78 -42.77 -1.86 16.63
N ILE C 79 -41.51 -2.21 16.85
CA ILE C 79 -40.72 -1.59 17.91
C ILE C 79 -39.32 -1.22 17.41
N ASP C 80 -38.59 -0.49 18.24
CA ASP C 80 -37.19 -0.20 17.98
C ASP C 80 -36.35 -1.47 18.10
N PHE C 81 -35.36 -1.60 17.21
CA PHE C 81 -34.45 -2.73 17.25
C PHE C 81 -33.53 -2.63 18.48
N PRO C 82 -33.69 -3.55 19.44
CA PRO C 82 -32.90 -3.50 20.67
C PRO C 82 -31.47 -4.03 20.48
N GLU C 83 -30.50 -3.38 21.13
CA GLU C 83 -29.13 -3.89 21.12
C GLU C 83 -29.01 -5.13 21.99
N LEU C 84 -28.30 -6.13 21.49
CA LEU C 84 -28.21 -7.42 22.18
C LEU C 84 -26.76 -7.83 22.42
N GLY C 85 -26.44 -8.18 23.67
CA GLY C 85 -25.12 -8.67 24.01
C GLY C 85 -24.04 -7.62 24.00
N GLU C 86 -22.79 -8.06 24.04
CA GLU C 86 -21.63 -7.18 24.04
C GLU C 86 -20.37 -7.92 23.60
N GLY C 87 -19.30 -7.19 23.39
CA GLY C 87 -18.03 -7.78 22.97
C GLY C 87 -18.09 -8.42 21.59
N GLU C 88 -17.53 -9.62 21.48
CA GLU C 88 -17.52 -10.37 20.23
C GLU C 88 -18.93 -10.72 19.75
N THR C 89 -19.86 -10.85 20.69
CA THR C 89 -21.24 -11.20 20.36
C THR C 89 -22.15 -10.00 20.60
N HIS C 90 -22.10 -9.04 19.69
CA HIS C 90 -22.86 -7.79 19.82
C HIS C 90 -23.77 -7.54 18.62
N ALA C 91 -25.00 -7.13 18.90
CA ALA C 91 -25.98 -6.80 17.86
C ALA C 91 -26.35 -5.33 17.92
N PRO C 92 -25.67 -4.50 17.11
CA PRO C 92 -25.86 -3.04 17.11
C PRO C 92 -27.25 -2.61 16.63
N SER C 93 -27.68 -1.43 17.07
CA SER C 93 -28.92 -0.82 16.59
C SER C 93 -28.60 0.40 15.74
N THR C 94 -29.20 0.48 14.56
CA THR C 94 -28.90 1.58 13.65
C THR C 94 -30.05 2.58 13.60
N ASP C 95 -29.72 3.86 13.66
CA ASP C 95 -30.71 4.92 13.55
C ASP C 95 -31.12 5.09 12.09
N VAL C 96 -32.26 4.51 11.73
CA VAL C 96 -32.72 4.50 10.35
C VAL C 96 -34.24 4.68 10.28
N ASP C 97 -34.71 5.41 9.27
CA ASP C 97 -36.14 5.68 9.09
C ASP C 97 -36.77 4.81 8.01
N VAL C 98 -36.04 4.58 6.93
CA VAL C 98 -36.61 3.93 5.75
C VAL C 98 -35.73 2.79 5.22
N LEU C 99 -36.37 1.70 4.81
CA LEU C 99 -35.70 0.60 4.14
C LEU C 99 -36.19 0.50 2.70
N ILE C 100 -35.25 0.51 1.75
CA ILE C 100 -35.59 0.27 0.35
C ILE C 100 -35.02 -1.06 -0.09
N HIS C 101 -35.91 -2.02 -0.35
CA HIS C 101 -35.49 -3.37 -0.74
C HIS C 101 -35.91 -3.69 -2.16
N CYS C 102 -34.92 -4.02 -2.99
CA CYS C 102 -35.17 -4.43 -4.37
C CYS C 102 -34.36 -5.66 -4.71
N HIS C 103 -34.89 -6.50 -5.60
CA HIS C 103 -34.09 -7.56 -6.20
C HIS C 103 -34.57 -7.81 -7.62
N ALA C 104 -33.65 -8.23 -8.48
CA ALA C 104 -33.95 -8.44 -9.89
C ALA C 104 -32.97 -9.45 -10.51
N THR C 105 -33.12 -9.70 -11.80
CA THR C 105 -32.24 -10.63 -12.50
C THR C 105 -31.01 -9.92 -13.07
N ARG C 106 -30.96 -8.60 -12.92
CA ARG C 106 -29.79 -7.83 -13.35
C ARG C 106 -29.42 -6.77 -12.32
N HIS C 107 -28.12 -6.51 -12.22
CA HIS C 107 -27.58 -5.63 -11.18
C HIS C 107 -27.74 -4.14 -11.51
N ASP C 108 -27.62 -3.80 -12.78
CA ASP C 108 -27.60 -2.40 -13.20
C ASP C 108 -28.88 -1.64 -12.84
N LEU C 109 -30.02 -2.32 -12.98
CA LEU C 109 -31.31 -1.69 -12.72
C LEU C 109 -31.53 -1.40 -11.24
N LEU C 110 -30.73 -2.04 -10.39
CA LEU C 110 -30.79 -1.77 -8.95
C LEU C 110 -30.20 -0.40 -8.65
N PHE C 111 -29.07 -0.11 -9.26
CA PHE C 111 -28.42 1.18 -9.11
C PHE C 111 -29.30 2.28 -9.70
N TYR C 112 -29.85 2.01 -10.89
CA TYR C 112 -30.68 2.98 -11.60
C TYR C 112 -31.93 3.33 -10.79
N THR C 113 -32.58 2.30 -10.25
CA THR C 113 -33.80 2.48 -9.47
C THR C 113 -33.55 3.42 -8.29
N LEU C 114 -32.41 3.23 -7.63
CA LEU C 114 -32.07 4.04 -6.46
C LEU C 114 -31.70 5.48 -6.84
N ARG C 115 -30.86 5.64 -7.86
CA ARG C 115 -30.41 6.97 -8.26
C ARG C 115 -31.55 7.80 -8.83
N LYS C 116 -32.34 7.20 -9.70
CA LYS C 116 -33.47 7.88 -10.33
C LYS C 116 -34.55 8.20 -9.31
N GLY C 117 -34.84 7.23 -8.44
CA GLY C 117 -35.88 7.40 -7.45
C GLY C 117 -35.57 8.40 -6.37
N ILE C 118 -34.28 8.68 -6.17
CA ILE C 118 -33.84 9.50 -5.04
C ILE C 118 -33.31 10.88 -5.49
N SER C 119 -33.00 11.00 -6.79
CA SER C 119 -32.34 12.19 -7.33
C SER C 119 -32.92 13.53 -6.89
N ASP C 120 -34.25 13.63 -6.83
CA ASP C 120 -34.89 14.89 -6.43
C ASP C 120 -34.82 15.16 -4.93
N ILE C 121 -34.65 14.10 -4.14
CA ILE C 121 -34.64 14.25 -2.68
C ILE C 121 -33.30 13.87 -2.06
N ALA C 122 -32.23 14.00 -2.82
CA ALA C 122 -30.90 13.59 -2.38
C ALA C 122 -30.38 14.43 -1.21
N GLN C 123 -30.77 15.70 -1.18
CA GLN C 123 -30.31 16.62 -0.14
C GLN C 123 -31.14 16.49 1.13
N ASP C 124 -32.31 15.88 1.02
CA ASP C 124 -33.23 15.73 2.15
C ASP C 124 -33.00 14.42 2.90
N ILE C 125 -32.10 13.61 2.36
CA ILE C 125 -31.93 12.23 2.80
C ILE C 125 -30.48 11.94 3.14
N GLU C 126 -30.26 11.12 4.17
CA GLU C 126 -28.93 10.62 4.46
C GLU C 126 -28.92 9.10 4.41
N ILE C 127 -28.23 8.55 3.41
CA ILE C 127 -28.11 7.10 3.26
C ILE C 127 -27.15 6.54 4.31
N VAL C 128 -27.70 5.79 5.26
CA VAL C 128 -26.88 5.23 6.34
C VAL C 128 -26.13 4.01 5.86
N ASP C 129 -26.79 3.21 5.01
CA ASP C 129 -26.16 2.02 4.45
C ASP C 129 -26.75 1.69 3.08
N GLU C 130 -25.89 1.27 2.16
CA GLU C 130 -26.32 0.91 0.82
C GLU C 130 -25.59 -0.35 0.39
N THR C 131 -26.28 -1.49 0.44
CA THR C 131 -25.65 -2.78 0.21
C THR C 131 -26.16 -3.46 -1.05
N TYR C 132 -25.24 -3.90 -1.90
CA TYR C 132 -25.60 -4.62 -3.12
C TYR C 132 -25.30 -6.10 -2.99
N GLY C 133 -26.36 -6.89 -2.91
CA GLY C 133 -26.23 -8.32 -2.76
C GLY C 133 -26.15 -9.05 -4.09
N PHE C 134 -25.51 -10.21 -4.07
CA PHE C 134 -25.43 -11.05 -5.27
C PHE C 134 -25.40 -12.52 -4.87
N ARG C 135 -26.12 -13.34 -5.64
CA ARG C 135 -26.11 -14.78 -5.42
C ARG C 135 -24.71 -15.31 -5.65
N TYR C 136 -24.23 -16.14 -4.72
CA TYR C 136 -22.85 -16.61 -4.74
C TYR C 136 -22.81 -18.12 -4.95
N LEU C 137 -22.30 -18.53 -6.10
CA LEU C 137 -22.27 -19.94 -6.51
C LEU C 137 -23.68 -20.52 -6.46
N ASP C 138 -23.81 -21.76 -5.99
CA ASP C 138 -25.12 -22.37 -5.87
C ASP C 138 -25.82 -21.97 -4.58
N ALA C 139 -26.20 -20.69 -4.50
CA ALA C 139 -26.93 -20.14 -3.36
C ALA C 139 -26.20 -20.34 -2.05
N ARG C 140 -24.90 -20.06 -2.05
CA ARG C 140 -24.09 -20.27 -0.86
C ARG C 140 -23.64 -18.95 -0.23
N ASP C 141 -23.51 -18.96 1.09
CA ASP C 141 -22.88 -17.86 1.79
C ASP C 141 -21.36 -17.99 1.58
N MET C 142 -20.63 -16.90 1.78
CA MET C 142 -19.18 -16.91 1.59
C MET C 142 -18.48 -17.80 2.62
N THR C 143 -19.26 -18.35 3.53
CA THR C 143 -18.78 -19.31 4.51
C THR C 143 -18.63 -20.69 3.88
N GLY C 144 -19.21 -20.85 2.69
CA GLY C 144 -19.13 -22.11 1.97
C GLY C 144 -20.40 -22.94 2.09
N PHE C 145 -21.27 -22.53 3.00
CA PHE C 145 -22.51 -23.25 3.26
C PHE C 145 -23.67 -22.67 2.45
N ILE C 146 -24.60 -23.53 2.06
CA ILE C 146 -25.78 -23.11 1.32
C ILE C 146 -26.75 -22.36 2.23
N ASP C 147 -27.23 -21.21 1.77
CA ASP C 147 -28.15 -20.40 2.55
C ASP C 147 -29.55 -20.36 1.93
N GLY C 148 -30.54 -20.80 2.70
CA GLY C 148 -31.92 -20.76 2.24
C GLY C 148 -32.53 -22.14 2.07
N THR C 149 -31.87 -23.17 2.58
CA THR C 149 -32.32 -24.55 2.43
C THR C 149 -33.72 -24.76 3.01
N GLU C 150 -33.92 -24.33 4.25
CA GLU C 150 -35.20 -24.52 4.92
C GLU C 150 -36.11 -23.30 4.79
N ASN C 151 -35.69 -22.34 3.97
CA ASN C 151 -36.50 -21.14 3.70
C ASN C 151 -37.83 -21.55 3.09
N PRO C 152 -38.93 -20.98 3.60
CA PRO C 152 -40.28 -21.26 3.09
C PRO C 152 -40.38 -21.07 1.58
N LYS C 153 -41.16 -21.92 0.92
CA LYS C 153 -41.31 -21.88 -0.53
C LYS C 153 -42.78 -21.99 -0.93
N ALA C 154 -43.14 -21.37 -2.05
CA ALA C 154 -44.50 -21.42 -2.59
C ALA C 154 -45.55 -20.84 -1.63
N GLU C 155 -46.56 -21.66 -1.32
CA GLU C 155 -47.73 -21.19 -0.59
C GLU C 155 -47.46 -20.74 0.84
N LYS C 156 -46.55 -21.43 1.53
CA LYS C 156 -46.27 -21.11 2.92
C LYS C 156 -45.54 -19.78 3.06
N ARG C 157 -44.97 -19.30 1.96
CA ARG C 157 -44.29 -18.01 1.96
C ARG C 157 -45.26 -16.87 2.26
N ALA C 158 -46.48 -16.99 1.78
CA ALA C 158 -47.50 -15.96 1.99
C ALA C 158 -48.00 -15.98 3.43
N GLU C 159 -48.23 -17.16 3.98
CA GLU C 159 -48.81 -17.29 5.31
C GLU C 159 -47.78 -17.01 6.40
N VAL C 160 -46.49 -17.13 6.05
CA VAL C 160 -45.43 -16.87 7.02
C VAL C 160 -45.03 -15.38 7.03
N ALA C 161 -44.94 -14.78 5.85
CA ALA C 161 -44.44 -13.42 5.74
C ALA C 161 -45.52 -12.36 5.97
N LEU C 162 -46.71 -12.61 5.45
CA LEU C 162 -47.76 -11.58 5.42
C LEU C 162 -48.73 -11.64 6.59
N VAL C 163 -49.15 -10.46 7.06
CA VAL C 163 -50.18 -10.35 8.08
C VAL C 163 -51.52 -10.82 7.50
N ALA C 164 -52.12 -11.81 8.16
CA ALA C 164 -53.31 -12.46 7.64
C ALA C 164 -54.59 -11.65 7.83
N ASP C 165 -54.63 -10.83 8.87
CA ASP C 165 -55.86 -10.15 9.26
C ASP C 165 -55.67 -8.66 9.51
N GLY C 166 -56.74 -7.98 9.88
CA GLY C 166 -56.68 -6.59 10.28
C GLY C 166 -56.44 -5.61 9.16
N ASP C 167 -56.17 -4.37 9.55
CA ASP C 167 -55.96 -3.27 8.62
C ASP C 167 -54.58 -3.36 7.96
N PHE C 168 -53.65 -4.06 8.61
CA PHE C 168 -52.29 -4.19 8.11
C PHE C 168 -52.12 -5.46 7.28
N ALA C 169 -53.24 -6.06 6.87
CA ALA C 169 -53.22 -7.26 6.04
C ALA C 169 -52.46 -7.02 4.73
N GLY C 170 -51.53 -7.92 4.42
CA GLY C 170 -50.68 -7.75 3.27
C GLY C 170 -49.35 -7.14 3.66
N GLY C 171 -49.32 -6.53 4.84
CA GLY C 171 -48.09 -5.97 5.37
C GLY C 171 -47.19 -7.03 5.96
N SER C 172 -45.96 -6.66 6.26
CA SER C 172 -44.99 -7.61 6.80
C SER C 172 -43.97 -6.93 7.70
N TYR C 173 -43.59 -7.63 8.77
CA TYR C 173 -42.54 -7.14 9.66
C TYR C 173 -41.17 -7.52 9.11
N VAL C 174 -40.22 -6.60 9.20
CA VAL C 174 -38.92 -6.77 8.59
C VAL C 174 -37.79 -6.58 9.59
N MET C 175 -36.73 -7.35 9.42
CA MET C 175 -35.49 -7.13 10.15
C MET C 175 -34.33 -7.16 9.18
N VAL C 176 -33.31 -6.33 9.41
CA VAL C 176 -32.10 -6.40 8.60
C VAL C 176 -30.86 -6.23 9.48
N GLN C 177 -29.82 -6.99 9.14
CA GLN C 177 -28.52 -6.88 9.79
C GLN C 177 -27.42 -7.13 8.76
N ARG C 178 -26.50 -6.18 8.62
CA ARG C 178 -25.34 -6.40 7.76
C ARG C 178 -24.25 -7.10 8.54
N PHE C 179 -23.85 -8.28 8.07
CA PHE C 179 -22.82 -9.05 8.75
C PHE C 179 -21.47 -8.96 8.04
N VAL C 180 -20.42 -8.73 8.81
CA VAL C 180 -19.07 -8.75 8.29
C VAL C 180 -18.39 -10.05 8.71
N HIS C 181 -17.97 -10.84 7.73
CA HIS C 181 -17.38 -12.15 8.01
C HIS C 181 -15.88 -12.08 8.24
N ASN C 182 -15.39 -12.94 9.12
CA ASN C 182 -13.95 -13.14 9.26
C ASN C 182 -13.56 -14.48 8.63
N LEU C 183 -13.41 -14.45 7.30
CA LEU C 183 -13.09 -15.65 6.53
C LEU C 183 -11.74 -16.29 6.87
N PRO C 184 -10.67 -15.51 7.11
CA PRO C 184 -9.42 -16.15 7.52
C PRO C 184 -9.53 -16.96 8.81
N ALA C 185 -10.40 -16.54 9.73
CA ALA C 185 -10.59 -17.27 10.98
C ALA C 185 -11.46 -18.51 10.80
N TRP C 186 -12.44 -18.39 9.91
CA TRP C 186 -13.37 -19.49 9.65
C TRP C 186 -12.72 -20.64 8.91
N ASN C 187 -11.66 -20.34 8.17
CA ASN C 187 -10.94 -21.36 7.42
C ASN C 187 -10.11 -22.26 8.32
N ARG C 188 -9.72 -21.73 9.48
CA ARG C 188 -8.90 -22.47 10.43
C ARG C 188 -9.61 -23.74 10.90
N LEU C 189 -10.95 -23.70 10.88
CA LEU C 189 -11.74 -24.86 11.27
C LEU C 189 -11.86 -25.86 10.13
N ASN C 190 -11.86 -27.14 10.47
CA ASN C 190 -12.01 -28.20 9.47
C ASN C 190 -13.46 -28.35 9.04
N LEU C 191 -13.70 -29.25 8.10
CA LEU C 191 -15.04 -29.48 7.57
C LEU C 191 -16.04 -29.88 8.66
N ALA C 192 -15.65 -30.84 9.49
CA ALA C 192 -16.53 -31.33 10.55
C ALA C 192 -16.78 -30.26 11.61
N ALA C 193 -15.76 -29.47 11.93
CA ALA C 193 -15.89 -28.40 12.90
C ALA C 193 -16.79 -27.29 12.38
N GLN C 194 -16.69 -27.00 11.08
CA GLN C 194 -17.53 -25.99 10.46
C GLN C 194 -18.99 -26.44 10.42
N GLU C 195 -19.21 -27.72 10.17
CA GLU C 195 -20.56 -28.28 10.18
C GLU C 195 -21.17 -28.21 11.58
N LYS C 196 -20.32 -28.35 12.59
CA LYS C 196 -20.76 -28.31 13.98
C LYS C 196 -21.18 -26.90 14.38
N VAL C 197 -20.53 -25.90 13.77
CA VAL C 197 -20.88 -24.51 14.01
C VAL C 197 -22.22 -24.18 13.35
N ILE C 198 -22.37 -24.57 12.09
CA ILE C 198 -23.60 -24.31 11.36
C ILE C 198 -24.76 -25.18 11.85
N GLY C 199 -24.55 -26.50 11.83
CA GLY C 199 -25.59 -27.43 12.23
C GLY C 199 -26.08 -28.28 11.09
N ARG C 200 -25.47 -28.09 9.92
CA ARG C 200 -25.79 -28.89 8.74
C ARG C 200 -24.51 -29.26 7.99
N THR C 201 -24.62 -30.21 7.08
CA THR C 201 -23.49 -30.58 6.24
C THR C 201 -23.16 -29.44 5.29
N LYS C 202 -21.88 -29.27 4.98
CA LYS C 202 -21.45 -28.15 4.16
C LYS C 202 -21.78 -28.29 2.67
N PRO C 203 -21.43 -29.43 2.05
CA PRO C 203 -21.58 -29.42 0.59
C PRO C 203 -23.02 -29.65 0.11
N ASP C 204 -23.88 -30.26 0.92
CA ASP C 204 -25.24 -30.57 0.49
C ASP C 204 -26.32 -30.12 1.47
N SER C 205 -25.91 -29.43 2.52
CA SER C 205 -26.84 -28.80 3.47
C SER C 205 -27.87 -29.74 4.07
N VAL C 206 -27.44 -30.97 4.40
CA VAL C 206 -28.30 -31.90 5.11
C VAL C 206 -28.12 -31.69 6.61
N GLU C 207 -29.23 -31.62 7.34
CA GLU C 207 -29.18 -31.40 8.78
C GLU C 207 -28.47 -32.53 9.51
N LEU C 208 -27.54 -32.16 10.39
CA LEU C 208 -26.80 -33.14 11.18
C LEU C 208 -27.74 -33.96 12.07
N GLU C 209 -27.40 -35.22 12.27
CA GLU C 209 -28.16 -36.07 13.17
C GLU C 209 -28.01 -35.55 14.59
N ASN C 210 -26.82 -35.05 14.89
CA ASN C 210 -26.57 -34.36 16.15
C ASN C 210 -26.50 -32.86 15.93
N VAL C 211 -27.57 -32.16 16.32
CA VAL C 211 -27.61 -30.70 16.20
C VAL C 211 -27.28 -30.05 17.54
N PRO C 212 -26.04 -29.58 17.70
CA PRO C 212 -25.65 -28.94 18.96
C PRO C 212 -26.46 -27.68 19.21
N ALA C 213 -26.93 -27.52 20.46
CA ALA C 213 -27.81 -26.41 20.81
C ALA C 213 -27.19 -25.05 20.53
N ALA C 214 -25.86 -24.98 20.54
CA ALA C 214 -25.15 -23.72 20.34
C ALA C 214 -24.86 -23.47 18.86
N SER C 215 -25.12 -24.46 18.01
CA SER C 215 -24.95 -24.28 16.57
C SER C 215 -25.99 -23.28 16.09
N HIS C 216 -25.73 -22.69 14.92
CA HIS C 216 -26.61 -21.66 14.40
C HIS C 216 -28.03 -22.17 14.16
N VAL C 217 -28.15 -23.30 13.46
CA VAL C 217 -29.47 -23.89 13.22
C VAL C 217 -30.13 -24.25 14.56
N GLY C 218 -29.34 -24.74 15.51
CA GLY C 218 -29.84 -25.06 16.82
C GLY C 218 -30.38 -23.85 17.57
N ARG C 219 -29.83 -22.68 17.26
CA ARG C 219 -30.27 -21.44 17.89
C ARG C 219 -31.55 -20.88 17.28
N VAL C 220 -31.67 -20.99 15.95
CA VAL C 220 -32.77 -20.34 15.23
C VAL C 220 -33.93 -21.28 14.92
N ASP C 221 -33.72 -22.58 15.02
CA ASP C 221 -34.82 -23.53 14.83
C ASP C 221 -35.57 -23.70 16.15
N ILE C 222 -36.48 -22.76 16.42
CA ILE C 222 -37.23 -22.73 17.66
C ILE C 222 -38.70 -23.06 17.42
N LYS C 223 -39.27 -23.91 18.27
CA LYS C 223 -40.69 -24.24 18.16
C LYS C 223 -41.44 -23.86 19.43
N GLU C 224 -42.57 -23.19 19.24
CA GLU C 224 -43.44 -22.83 20.36
C GLU C 224 -44.80 -23.49 20.19
N GLU C 225 -45.28 -24.09 21.28
CA GLU C 225 -46.57 -24.78 21.28
C GLU C 225 -46.62 -25.89 20.22
N GLY C 226 -45.50 -26.59 20.05
CA GLY C 226 -45.45 -27.76 19.19
C GLY C 226 -45.13 -27.49 17.73
N LYS C 227 -45.14 -26.22 17.33
CA LYS C 227 -44.87 -25.86 15.95
C LYS C 227 -43.81 -24.77 15.87
N GLY C 228 -43.15 -24.69 14.71
CA GLY C 228 -41.98 -23.84 14.55
C GLY C 228 -42.22 -22.37 14.24
N LEU C 229 -41.25 -21.54 14.62
CA LEU C 229 -41.26 -20.13 14.31
C LEU C 229 -40.56 -19.90 12.98
N LYS C 230 -41.32 -19.55 11.95
CA LYS C 230 -40.76 -19.45 10.61
C LYS C 230 -40.67 -18.00 10.10
N ILE C 231 -39.65 -17.74 9.29
CA ILE C 231 -39.47 -16.43 8.67
C ILE C 231 -39.11 -16.60 7.20
N VAL C 232 -39.33 -15.55 6.41
CA VAL C 232 -38.96 -15.58 5.00
C VAL C 232 -37.73 -14.70 4.77
N ARG C 233 -36.60 -15.36 4.56
CA ARG C 233 -35.33 -14.65 4.40
C ARG C 233 -35.06 -14.26 2.95
N HIS C 234 -34.55 -13.04 2.77
CA HIS C 234 -34.18 -12.54 1.45
C HIS C 234 -32.70 -12.17 1.43
N SER C 235 -31.94 -12.75 2.35
CA SER C 235 -30.54 -12.38 2.53
C SER C 235 -29.70 -12.72 1.30
N LEU C 236 -28.55 -12.07 1.19
CA LEU C 236 -27.67 -12.28 0.04
C LEU C 236 -26.25 -11.83 0.39
N PRO C 237 -25.25 -12.57 -0.10
CA PRO C 237 -23.84 -12.20 0.10
C PRO C 237 -23.51 -10.83 -0.49
N TYR C 238 -22.41 -10.24 -0.07
CA TYR C 238 -22.04 -8.89 -0.52
C TYR C 238 -20.56 -8.61 -0.25
N GLY C 239 -20.05 -7.58 -0.90
CA GLY C 239 -18.77 -7.01 -0.53
C GLY C 239 -17.57 -7.29 -1.42
N SER C 240 -16.42 -6.77 -1.00
CA SER C 240 -15.18 -6.94 -1.73
C SER C 240 -14.17 -7.71 -0.88
N VAL C 241 -13.10 -8.16 -1.51
CA VAL C 241 -12.07 -8.93 -0.82
C VAL C 241 -11.29 -8.04 0.14
N SER C 242 -10.99 -6.81 -0.28
CA SER C 242 -10.19 -5.90 0.52
C SER C 242 -11.02 -5.04 1.46
N GLY C 243 -12.33 -5.16 1.39
CA GLY C 243 -13.21 -4.40 2.24
C GLY C 243 -14.15 -5.28 3.04
N ASP C 244 -15.28 -4.73 3.46
CA ASP C 244 -16.29 -5.50 4.15
C ASP C 244 -16.90 -6.53 3.20
N HIS C 245 -17.01 -7.77 3.68
CA HIS C 245 -17.69 -8.81 2.93
C HIS C 245 -18.36 -9.76 3.88
N GLY C 246 -19.48 -10.34 3.47
CA GLY C 246 -20.22 -11.26 4.30
C GLY C 246 -21.64 -11.47 3.81
N LEU C 247 -22.60 -11.25 4.70
CA LEU C 247 -24.00 -11.48 4.39
C LEU C 247 -24.89 -10.34 4.86
N LEU C 248 -25.60 -9.72 3.94
CA LEU C 248 -26.66 -8.79 4.31
C LEU C 248 -27.87 -9.63 4.66
N PHE C 249 -28.14 -9.78 5.96
CA PHE C 249 -29.29 -10.54 6.38
C PHE C 249 -30.55 -9.68 6.39
N ILE C 250 -31.62 -10.22 5.85
CA ILE C 250 -32.92 -9.55 5.88
C ILE C 250 -34.02 -10.61 5.87
N ALA C 251 -35.05 -10.40 6.69
CA ALA C 251 -36.13 -11.38 6.79
C ALA C 251 -37.50 -10.71 6.91
N TYR C 252 -38.52 -11.39 6.43
CA TYR C 252 -39.90 -10.92 6.53
C TYR C 252 -40.73 -11.93 7.32
N CYS C 253 -41.68 -11.43 8.11
CA CYS C 253 -42.52 -12.30 8.93
C CYS C 253 -43.83 -11.61 9.29
N HIS C 254 -44.88 -12.42 9.47
CA HIS C 254 -46.21 -11.92 9.81
C HIS C 254 -46.25 -11.39 11.24
N THR C 255 -45.27 -11.79 12.03
CA THR C 255 -45.15 -11.33 13.41
C THR C 255 -43.69 -11.02 13.74
N LEU C 256 -43.47 -9.96 14.50
CA LEU C 256 -42.12 -9.56 14.88
C LEU C 256 -41.56 -10.49 15.96
N HIS C 257 -42.46 -11.24 16.61
CA HIS C 257 -42.09 -12.15 17.70
C HIS C 257 -41.01 -13.14 17.27
N ASN C 258 -41.17 -13.70 16.06
CA ASN C 258 -40.21 -14.67 15.54
C ASN C 258 -38.80 -14.12 15.45
N PHE C 259 -38.68 -12.89 14.96
CA PHE C 259 -37.39 -12.21 14.93
C PHE C 259 -36.81 -12.13 16.33
N LYS C 260 -37.58 -11.51 17.23
CA LYS C 260 -37.17 -11.28 18.61
C LYS C 260 -36.75 -12.57 19.32
N THR C 261 -37.47 -13.65 19.06
CA THR C 261 -37.17 -14.93 19.69
C THR C 261 -35.85 -15.51 19.18
N MET C 262 -35.58 -15.35 17.90
CA MET C 262 -34.37 -15.89 17.29
C MET C 262 -33.11 -15.14 17.71
N LEU C 263 -33.20 -13.80 17.72
CA LEU C 263 -32.06 -12.97 18.05
C LEU C 263 -31.68 -13.08 19.52
N GLU C 264 -32.68 -13.27 20.38
CA GLU C 264 -32.44 -13.43 21.80
C GLU C 264 -31.79 -14.78 22.09
N SER C 265 -32.13 -15.77 21.28
CA SER C 265 -31.51 -17.09 21.38
C SER C 265 -30.06 -17.04 20.89
N MET C 266 -29.86 -16.44 19.73
CA MET C 266 -28.53 -16.34 19.12
C MET C 266 -27.54 -15.58 20.01
N TYR C 267 -28.01 -14.51 20.64
CA TYR C 267 -27.11 -13.63 21.39
C TYR C 267 -27.14 -13.89 22.89
N GLY C 268 -27.58 -15.09 23.28
CA GLY C 268 -27.49 -15.54 24.65
C GLY C 268 -28.36 -14.80 25.66
N VAL C 269 -29.51 -14.32 25.21
CA VAL C 269 -30.47 -13.69 26.12
C VAL C 269 -31.39 -14.75 26.70
N THR C 270 -31.73 -15.75 25.88
CA THR C 270 -32.65 -16.80 26.30
C THR C 270 -31.96 -17.88 27.13
N ASP C 271 -30.80 -18.34 26.66
CA ASP C 271 -30.09 -19.43 27.32
C ASP C 271 -28.89 -18.95 28.13
N GLY C 272 -28.29 -17.85 27.70
CA GLY C 272 -27.05 -17.38 28.28
C GLY C 272 -25.90 -17.83 27.41
N LYS C 273 -26.20 -18.71 26.45
CA LYS C 273 -25.19 -19.21 25.51
C LYS C 273 -25.40 -18.59 24.13
N THR C 274 -24.30 -18.15 23.53
CA THR C 274 -24.36 -17.44 22.25
C THR C 274 -24.23 -18.38 21.05
N ASP C 275 -24.55 -17.85 19.87
CA ASP C 275 -24.43 -18.60 18.62
C ASP C 275 -22.96 -18.77 18.26
N GLN C 276 -22.57 -20.00 17.97
CA GLN C 276 -21.17 -20.30 17.62
C GLN C 276 -20.77 -19.65 16.30
N LEU C 277 -21.76 -19.42 15.45
CA LEU C 277 -21.50 -18.76 14.16
C LEU C 277 -21.01 -17.33 14.36
N LEU C 278 -21.46 -16.70 15.44
CA LEU C 278 -21.10 -15.32 15.73
C LEU C 278 -19.66 -15.17 16.20
N ARG C 279 -18.95 -16.29 16.30
CA ARG C 279 -17.52 -16.28 16.57
C ARG C 279 -16.75 -15.88 15.32
N PHE C 280 -17.42 -15.94 14.17
CA PHE C 280 -16.75 -15.75 12.89
C PHE C 280 -17.40 -14.64 12.06
N THR C 281 -18.45 -14.04 12.59
CA THR C 281 -19.13 -12.96 11.89
C THR C 281 -19.72 -11.96 12.89
N LYS C 282 -19.76 -10.69 12.49
CA LYS C 282 -20.31 -9.64 13.34
C LYS C 282 -21.28 -8.75 12.60
N ALA C 283 -22.41 -8.44 13.22
CA ALA C 283 -23.36 -7.49 12.67
C ALA C 283 -22.87 -6.06 12.91
N VAL C 284 -22.98 -5.23 11.88
CA VAL C 284 -22.56 -3.83 11.99
C VAL C 284 -23.79 -2.92 11.94
N THR C 285 -24.89 -3.46 11.42
CA THR C 285 -26.16 -2.75 11.40
C THR C 285 -27.26 -3.64 11.96
N GLY C 286 -28.38 -3.02 12.34
CA GLY C 286 -29.52 -3.76 12.84
C GLY C 286 -30.74 -2.85 12.94
N ALA C 287 -31.87 -3.32 12.42
CA ALA C 287 -33.09 -2.50 12.41
C ALA C 287 -34.36 -3.30 12.18
N TYR C 288 -35.44 -2.83 12.77
CA TYR C 288 -36.78 -3.38 12.54
C TYR C 288 -37.59 -2.43 11.67
N PHE C 289 -38.38 -2.99 10.75
CA PHE C 289 -39.26 -2.20 9.91
C PHE C 289 -40.64 -2.85 9.79
N PHE C 290 -41.58 -2.13 9.21
CA PHE C 290 -42.83 -2.73 8.76
C PHE C 290 -43.09 -2.30 7.32
N ALA C 291 -43.18 -3.28 6.43
CA ALA C 291 -43.50 -3.01 5.04
C ALA C 291 -44.99 -3.09 4.82
N PRO C 292 -45.65 -1.94 4.60
CA PRO C 292 -47.10 -1.94 4.41
C PRO C 292 -47.49 -2.60 3.09
N SER C 293 -48.79 -2.86 2.91
CA SER C 293 -49.30 -3.35 1.65
C SER C 293 -49.17 -2.26 0.59
N GLN C 294 -49.42 -2.61 -0.66
CA GLN C 294 -49.31 -1.64 -1.75
C GLN C 294 -50.29 -0.49 -1.55
N VAL C 295 -51.51 -0.81 -1.14
CA VAL C 295 -52.56 0.19 -0.94
C VAL C 295 -52.22 1.13 0.21
N MET C 296 -51.83 0.55 1.36
CA MET C 296 -51.49 1.35 2.52
C MET C 296 -50.29 2.25 2.25
N LEU C 297 -49.37 1.76 1.42
CA LEU C 297 -48.19 2.54 1.04
C LEU C 297 -48.57 3.82 0.32
N GLN C 298 -49.61 3.74 -0.51
CA GLN C 298 -50.05 4.89 -1.30
C GLN C 298 -51.02 5.78 -0.53
N GLU C 299 -51.43 5.32 0.64
CA GLU C 299 -52.40 6.06 1.45
C GLU C 299 -51.77 6.70 2.68
N LEU C 300 -50.51 6.38 2.93
CA LEU C 300 -49.79 6.98 4.06
C LEU C 300 -49.65 8.48 3.87
N THR C 301 -49.81 9.24 4.94
CA THR C 301 -49.67 10.69 4.87
C THR C 301 -48.88 11.25 6.05
N LEU C 302 -48.17 12.33 5.81
CA LEU C 302 -47.36 12.96 6.85
C LEU C 302 -48.20 13.91 7.70
N SER D 7 -1.88 -13.09 -26.73
CA SER D 7 -2.58 -12.04 -25.99
C SER D 7 -2.78 -12.46 -24.54
N GLN D 8 -3.94 -12.09 -24.00
CA GLN D 8 -4.45 -12.64 -22.75
C GLN D 8 -5.97 -12.60 -22.87
N THR D 9 -6.63 -13.61 -22.30
CA THR D 9 -8.04 -13.87 -22.56
C THR D 9 -8.99 -12.69 -22.37
N ALA D 10 -8.56 -11.68 -21.61
CA ALA D 10 -9.44 -10.56 -21.28
C ALA D 10 -9.39 -9.43 -22.30
N ILE D 11 -8.33 -9.38 -23.10
CA ILE D 11 -8.10 -8.25 -23.99
C ILE D 11 -8.99 -8.26 -25.24
N LEU D 12 -8.86 -9.30 -26.06
CA LEU D 12 -9.54 -9.33 -27.36
C LEU D 12 -11.07 -9.44 -27.28
N PRO D 13 -11.62 -10.38 -26.47
CA PRO D 13 -13.07 -10.47 -26.44
C PRO D 13 -13.74 -9.20 -25.89
N GLU D 14 -14.99 -8.98 -26.27
CA GLU D 14 -15.77 -7.86 -25.74
C GLU D 14 -15.90 -8.00 -24.23
N ALA D 15 -15.99 -6.88 -23.53
CA ALA D 15 -16.15 -6.90 -22.09
C ALA D 15 -17.50 -7.49 -21.72
N GLY D 16 -17.49 -8.47 -20.82
CA GLY D 16 -18.72 -9.07 -20.33
C GLY D 16 -19.50 -8.09 -19.48
N PRO D 17 -20.71 -8.49 -19.04
CA PRO D 17 -21.57 -7.61 -18.25
C PRO D 17 -21.00 -7.26 -16.87
N PHE D 18 -20.01 -8.04 -16.41
CA PHE D 18 -19.36 -7.77 -15.14
C PHE D 18 -17.85 -7.85 -15.29
N ALA D 19 -17.14 -6.97 -14.58
CA ALA D 19 -15.68 -6.93 -14.67
C ALA D 19 -15.04 -6.57 -13.33
N LEU D 20 -13.81 -7.04 -13.13
CA LEU D 20 -13.05 -6.73 -11.92
C LEU D 20 -11.73 -6.06 -12.27
N TYR D 21 -11.46 -4.93 -11.63
CA TYR D 21 -10.22 -4.18 -11.85
C TYR D 21 -9.47 -3.98 -10.54
N THR D 22 -8.43 -4.78 -10.32
CA THR D 22 -7.69 -4.73 -9.07
C THR D 22 -6.27 -4.19 -9.29
N LEU D 23 -5.97 -3.07 -8.64
CA LEU D 23 -4.62 -2.51 -8.65
C LEU D 23 -3.93 -2.85 -7.34
N LEU D 24 -2.76 -3.48 -7.41
CA LEU D 24 -2.08 -3.88 -6.19
C LEU D 24 -0.58 -3.58 -6.17
N LYS D 25 -0.05 -3.47 -4.96
CA LYS D 25 1.37 -3.19 -4.73
C LYS D 25 2.01 -4.33 -3.95
N VAL D 26 3.19 -4.74 -4.41
CA VAL D 26 3.90 -5.85 -3.77
C VAL D 26 5.15 -5.37 -3.05
N ARG D 27 5.15 -5.44 -1.73
CA ARG D 27 6.27 -4.94 -0.94
C ARG D 27 7.26 -6.04 -0.55
N GLN D 28 6.75 -7.23 -0.25
CA GLN D 28 7.60 -8.32 0.19
C GLN D 28 7.28 -9.64 -0.49
N ASN D 29 8.23 -10.58 -0.40
CA ASN D 29 8.09 -11.92 -0.98
C ASN D 29 7.73 -11.87 -2.47
N HIS D 30 8.56 -11.20 -3.25
CA HIS D 30 8.30 -11.00 -4.68
C HIS D 30 8.20 -12.31 -5.45
N ALA D 31 8.96 -13.31 -5.03
CA ALA D 31 9.02 -14.59 -5.75
C ALA D 31 7.67 -15.30 -5.76
N HIS D 32 7.08 -15.46 -4.59
CA HIS D 32 5.82 -16.18 -4.46
C HIS D 32 4.64 -15.41 -5.03
N VAL D 33 4.75 -14.08 -5.05
CA VAL D 33 3.69 -13.24 -5.57
C VAL D 33 3.62 -13.30 -7.09
N LEU D 34 4.77 -13.20 -7.74
CA LEU D 34 4.83 -13.28 -9.21
C LEU D 34 4.35 -14.64 -9.70
N GLN D 35 4.82 -15.70 -9.06
CA GLN D 35 4.42 -17.06 -9.42
C GLN D 35 2.93 -17.26 -9.20
N ALA D 36 2.40 -16.63 -8.16
CA ALA D 36 0.96 -16.67 -7.89
C ALA D 36 0.20 -15.97 -9.01
N LEU D 37 0.75 -14.84 -9.47
CA LEU D 37 0.14 -14.10 -10.58
C LEU D 37 0.20 -14.90 -11.86
N LYS D 38 1.25 -15.70 -12.02
CA LYS D 38 1.41 -16.56 -13.19
C LYS D 38 0.44 -17.74 -13.15
N ALA D 39 -0.04 -18.07 -11.95
CA ALA D 39 -0.93 -19.20 -11.77
C ALA D 39 -2.39 -18.80 -11.99
N LEU D 40 -2.60 -17.51 -12.24
CA LEU D 40 -3.96 -16.98 -12.44
C LEU D 40 -4.65 -17.49 -13.71
N PRO D 41 -3.96 -17.50 -14.87
CA PRO D 41 -4.65 -18.00 -16.07
C PRO D 41 -5.12 -19.45 -15.95
N ALA D 42 -4.35 -20.27 -15.25
CA ALA D 42 -4.73 -21.66 -15.03
C ALA D 42 -5.96 -21.75 -14.13
N LEU D 43 -5.96 -20.93 -13.09
CA LEU D 43 -7.09 -20.86 -12.16
C LEU D 43 -8.37 -20.43 -12.86
N VAL D 44 -8.26 -19.38 -13.67
CA VAL D 44 -9.39 -18.88 -14.44
C VAL D 44 -9.91 -19.94 -15.41
N GLU D 45 -9.00 -20.69 -16.01
CA GLU D 45 -9.35 -21.76 -16.93
C GLU D 45 -10.20 -22.83 -16.25
N GLU D 46 -9.78 -23.24 -15.05
CA GLU D 46 -10.49 -24.27 -14.31
C GLU D 46 -11.87 -23.78 -13.87
N ILE D 47 -11.96 -22.52 -13.46
CA ILE D 47 -13.23 -21.93 -13.08
C ILE D 47 -14.18 -21.94 -14.26
N ASN D 48 -13.66 -21.63 -15.45
CA ASN D 48 -14.43 -21.69 -16.68
C ASN D 48 -14.89 -23.11 -16.99
N GLN D 49 -14.06 -24.09 -16.65
CA GLN D 49 -14.43 -25.49 -16.82
C GLN D 49 -15.61 -25.84 -15.92
N ASN D 50 -15.51 -25.49 -14.64
CA ASN D 50 -16.55 -25.79 -13.67
C ASN D 50 -17.80 -24.94 -13.87
N GLN D 51 -17.65 -23.80 -14.52
CA GLN D 51 -18.76 -22.88 -14.75
C GLN D 51 -18.93 -22.54 -16.22
N PRO D 52 -19.60 -23.41 -16.98
CA PRO D 52 -19.86 -23.17 -18.40
C PRO D 52 -20.75 -21.94 -18.60
N GLY D 53 -20.36 -21.08 -19.54
CA GLY D 53 -21.13 -19.88 -19.82
C GLY D 53 -20.62 -18.66 -19.08
N ALA D 54 -19.71 -18.88 -18.14
CA ALA D 54 -19.12 -17.78 -17.39
C ALA D 54 -18.27 -16.90 -18.28
N GLU D 55 -17.56 -17.53 -19.22
CA GLU D 55 -16.63 -16.83 -20.11
C GLU D 55 -15.67 -15.96 -19.32
N LEU D 56 -15.24 -16.45 -18.16
CA LEU D 56 -14.33 -15.74 -17.29
C LEU D 56 -12.97 -15.57 -17.96
N THR D 57 -12.48 -14.34 -17.97
CA THR D 57 -11.19 -14.03 -18.59
C THR D 57 -10.30 -13.29 -17.62
N VAL D 58 -9.01 -13.22 -17.93
CA VAL D 58 -8.07 -12.53 -17.06
C VAL D 58 -6.91 -11.91 -17.86
N SER D 59 -6.41 -10.78 -17.36
CA SER D 59 -5.25 -10.13 -17.96
C SER D 59 -4.40 -9.50 -16.86
N VAL D 60 -3.16 -9.98 -16.72
CA VAL D 60 -2.26 -9.46 -15.70
C VAL D 60 -1.23 -8.52 -16.31
N ALA D 61 -1.14 -7.31 -15.76
CA ALA D 61 -0.22 -6.30 -16.26
C ALA D 61 0.65 -5.74 -15.14
N PHE D 62 1.80 -5.19 -15.52
CA PHE D 62 2.73 -4.63 -14.54
C PHE D 62 3.11 -3.19 -14.87
N SER D 63 3.37 -2.41 -13.84
CA SER D 63 3.77 -1.02 -14.01
C SER D 63 5.18 -0.92 -14.57
N LYS D 64 5.56 0.27 -15.01
CA LYS D 64 6.90 0.51 -15.53
C LYS D 64 7.93 0.33 -14.42
N GLY D 65 7.58 0.77 -13.21
CA GLY D 65 8.46 0.64 -12.06
C GLY D 65 8.69 -0.80 -11.64
N PHE D 66 7.61 -1.57 -11.57
CA PHE D 66 7.69 -2.98 -11.19
C PHE D 66 8.33 -3.81 -12.29
N TRP D 67 8.33 -3.28 -13.51
CA TRP D 67 8.89 -3.98 -14.66
C TRP D 67 10.41 -4.00 -14.61
N SER D 68 10.99 -3.10 -13.80
CA SER D 68 12.43 -2.98 -13.69
C SER D 68 13.04 -4.04 -12.76
N HIS D 69 12.23 -4.55 -11.85
CA HIS D 69 12.67 -5.60 -10.94
C HIS D 69 12.91 -6.90 -11.71
N PHE D 70 12.19 -7.07 -12.80
CA PHE D 70 12.34 -8.23 -13.66
C PHE D 70 13.52 -8.03 -14.60
N GLU D 71 14.22 -9.12 -14.91
CA GLU D 71 15.31 -9.08 -15.85
C GLU D 71 14.79 -8.62 -17.21
N MET D 72 13.67 -9.22 -17.64
CA MET D 72 13.05 -8.94 -18.94
C MET D 72 12.93 -7.46 -19.26
N ALA D 73 13.07 -7.13 -20.54
CA ALA D 73 13.03 -5.76 -21.02
C ALA D 73 11.64 -5.13 -20.88
N SER D 74 11.61 -3.81 -20.93
CA SER D 74 10.35 -3.07 -20.96
C SER D 74 10.07 -2.62 -22.39
N PRO D 75 8.78 -2.54 -22.77
CA PRO D 75 8.45 -1.97 -24.07
C PRO D 75 8.91 -0.51 -24.14
N PRO D 76 9.51 -0.12 -25.28
CA PRO D 76 10.21 1.16 -25.44
C PRO D 76 9.37 2.39 -25.09
N GLU D 77 8.06 2.26 -25.12
CA GLU D 77 7.18 3.38 -24.84
C GLU D 77 6.69 3.39 -23.39
N LEU D 78 6.91 2.29 -22.68
CA LEU D 78 6.42 2.15 -21.31
C LEU D 78 7.11 3.13 -20.36
N ILE D 79 6.32 4.02 -19.78
CA ILE D 79 6.83 4.98 -18.80
C ILE D 79 5.90 5.04 -17.59
N ASP D 80 6.38 5.64 -16.50
CA ASP D 80 5.55 5.87 -15.33
C ASP D 80 4.47 6.89 -15.66
N PHE D 81 3.28 6.71 -15.10
CA PHE D 81 2.16 7.61 -15.32
C PHE D 81 2.46 8.98 -14.72
N PRO D 82 2.60 10.00 -15.58
CA PRO D 82 2.91 11.35 -15.10
C PRO D 82 1.68 12.13 -14.66
N GLU D 83 1.79 12.85 -13.54
CA GLU D 83 0.68 13.68 -13.08
C GLU D 83 0.52 14.87 -14.02
N LEU D 84 -0.71 15.10 -14.47
CA LEU D 84 -0.96 16.12 -15.48
C LEU D 84 -2.02 17.13 -15.06
N GLY D 85 -1.98 18.31 -15.69
CA GLY D 85 -2.94 19.36 -15.41
C GLY D 85 -2.60 20.18 -14.18
N GLU D 86 -3.47 21.13 -13.86
CA GLU D 86 -3.31 21.95 -12.66
C GLU D 86 -4.68 22.37 -12.13
N GLY D 87 -4.75 22.60 -10.81
CA GLY D 87 -5.99 23.02 -10.20
C GLY D 87 -7.06 21.96 -10.19
N GLU D 88 -8.27 22.34 -10.60
CA GLU D 88 -9.42 21.44 -10.60
C GLU D 88 -9.25 20.24 -11.51
N THR D 89 -8.86 20.47 -12.76
CA THR D 89 -8.66 19.39 -13.72
C THR D 89 -7.28 18.79 -13.55
N HIS D 90 -7.19 17.70 -12.79
CA HIS D 90 -5.90 17.11 -12.45
C HIS D 90 -5.94 15.58 -12.46
N ALA D 91 -4.91 14.97 -13.04
CA ALA D 91 -4.82 13.51 -13.12
C ALA D 91 -3.70 12.97 -12.23
N PRO D 92 -4.07 12.41 -11.07
CA PRO D 92 -3.12 11.86 -10.09
C PRO D 92 -2.38 10.63 -10.60
N SER D 93 -1.24 10.35 -10.01
CA SER D 93 -0.47 9.13 -10.31
C SER D 93 -0.43 8.25 -9.08
N THR D 94 -0.81 6.99 -9.24
CA THR D 94 -0.92 6.08 -8.10
C THR D 94 0.20 5.03 -8.09
N ASP D 95 0.80 4.84 -6.92
CA ASP D 95 1.86 3.87 -6.74
C ASP D 95 1.32 2.44 -6.79
N VAL D 96 1.40 1.82 -7.96
CA VAL D 96 0.86 0.48 -8.17
C VAL D 96 1.91 -0.45 -8.79
N ASP D 97 1.88 -1.72 -8.40
CA ASP D 97 2.76 -2.72 -8.99
C ASP D 97 2.07 -3.51 -10.10
N VAL D 98 0.93 -4.10 -9.78
CA VAL D 98 0.25 -5.04 -10.68
C VAL D 98 -1.23 -4.71 -10.90
N LEU D 99 -1.69 -4.87 -12.14
CA LEU D 99 -3.11 -4.77 -12.45
C LEU D 99 -3.69 -6.16 -12.75
N ILE D 100 -4.80 -6.48 -12.10
CA ILE D 100 -5.52 -7.72 -12.38
C ILE D 100 -6.87 -7.41 -13.01
N HIS D 101 -6.99 -7.68 -14.30
CA HIS D 101 -8.22 -7.37 -15.04
C HIS D 101 -8.99 -8.64 -15.39
N CYS D 102 -10.20 -8.74 -14.87
CA CYS D 102 -11.08 -9.86 -15.17
C CYS D 102 -12.44 -9.36 -15.67
N HIS D 103 -13.11 -10.17 -16.48
CA HIS D 103 -14.49 -9.89 -16.86
C HIS D 103 -15.20 -11.18 -17.28
N ALA D 104 -16.46 -11.30 -16.89
CA ALA D 104 -17.23 -12.51 -17.15
C ALA D 104 -18.72 -12.20 -17.31
N THR D 105 -19.53 -13.25 -17.43
CA THR D 105 -20.97 -13.08 -17.58
C THR D 105 -21.68 -13.13 -16.23
N ARG D 106 -20.91 -13.33 -15.17
CA ARG D 106 -21.47 -13.34 -13.82
C ARG D 106 -20.55 -12.65 -12.82
N HIS D 107 -21.16 -12.00 -11.82
CA HIS D 107 -20.43 -11.17 -10.88
C HIS D 107 -19.74 -11.97 -9.77
N ASP D 108 -20.41 -13.00 -9.27
CA ASP D 108 -19.92 -13.75 -8.13
C ASP D 108 -18.56 -14.41 -8.35
N LEU D 109 -18.30 -14.86 -9.58
CA LEU D 109 -17.05 -15.54 -9.89
C LEU D 109 -15.86 -14.59 -9.88
N LEU D 110 -16.13 -13.29 -10.05
CA LEU D 110 -15.08 -12.29 -9.97
C LEU D 110 -14.54 -12.19 -8.55
N PHE D 111 -15.44 -12.17 -7.58
CA PHE D 111 -15.07 -12.18 -6.17
C PHE D 111 -14.36 -13.47 -5.82
N TYR D 112 -14.90 -14.59 -6.32
CA TYR D 112 -14.32 -15.90 -6.09
C TYR D 112 -12.90 -16.00 -6.66
N THR D 113 -12.71 -15.45 -7.85
CA THR D 113 -11.41 -15.48 -8.52
C THR D 113 -10.37 -14.66 -7.76
N LEU D 114 -10.76 -13.45 -7.36
CA LEU D 114 -9.83 -12.55 -6.67
C LEU D 114 -9.48 -13.07 -5.28
N ARG D 115 -10.49 -13.43 -4.51
CA ARG D 115 -10.28 -13.92 -3.14
C ARG D 115 -9.35 -15.12 -3.12
N LYS D 116 -9.62 -16.08 -4.01
CA LYS D 116 -8.82 -17.29 -4.09
C LYS D 116 -7.46 -17.01 -4.72
N GLY D 117 -7.44 -16.10 -5.69
CA GLY D 117 -6.23 -15.80 -6.43
C GLY D 117 -5.09 -15.20 -5.63
N ILE D 118 -5.43 -14.38 -4.64
CA ILE D 118 -4.41 -13.65 -3.88
C ILE D 118 -4.36 -14.03 -2.40
N SER D 119 -5.10 -15.07 -2.03
CA SER D 119 -5.25 -15.44 -0.62
C SER D 119 -3.94 -15.86 0.05
N ASP D 120 -3.14 -16.64 -0.67
CA ASP D 120 -1.87 -17.14 -0.14
C ASP D 120 -0.86 -16.01 0.05
N ILE D 121 -0.97 -14.97 -0.77
CA ILE D 121 -0.04 -13.86 -0.72
C ILE D 121 -0.68 -12.60 -0.15
N ALA D 122 -1.81 -12.76 0.53
CA ALA D 122 -2.57 -11.64 1.07
C ALA D 122 -1.74 -10.82 2.06
N GLN D 123 -0.83 -11.49 2.76
CA GLN D 123 0.02 -10.83 3.75
C GLN D 123 1.06 -9.93 3.09
N ASP D 124 1.34 -10.21 1.82
CA ASP D 124 2.38 -9.48 1.09
C ASP D 124 1.79 -8.50 0.08
N ILE D 125 0.46 -8.44 0.04
CA ILE D 125 -0.23 -7.69 -1.01
C ILE D 125 -0.93 -6.44 -0.48
N GLU D 126 -0.72 -5.31 -1.16
CA GLU D 126 -1.49 -4.10 -0.92
C GLU D 126 -2.56 -3.93 -2.01
N ILE D 127 -3.83 -4.10 -1.64
CA ILE D 127 -4.91 -3.78 -2.57
C ILE D 127 -5.10 -2.28 -2.63
N VAL D 128 -4.40 -1.63 -3.57
CA VAL D 128 -4.49 -0.19 -3.74
C VAL D 128 -5.91 0.22 -4.14
N ASP D 129 -6.54 -0.59 -4.99
CA ASP D 129 -7.91 -0.34 -5.41
C ASP D 129 -8.56 -1.63 -5.91
N GLU D 130 -9.84 -1.80 -5.60
CA GLU D 130 -10.59 -2.96 -6.04
C GLU D 130 -11.95 -2.50 -6.58
N THR D 131 -12.08 -2.48 -7.90
CA THR D 131 -13.27 -1.94 -8.54
C THR D 131 -14.06 -3.00 -9.31
N TYR D 132 -15.32 -3.18 -8.95
CA TYR D 132 -16.20 -4.10 -9.65
C TYR D 132 -17.06 -3.35 -10.66
N GLY D 133 -16.76 -3.56 -11.94
CA GLY D 133 -17.50 -2.91 -13.01
C GLY D 133 -18.71 -3.71 -13.44
N PHE D 134 -19.74 -3.02 -13.92
CA PHE D 134 -20.93 -3.66 -14.44
C PHE D 134 -21.50 -2.85 -15.59
N ARG D 135 -21.99 -3.53 -16.62
CA ARG D 135 -22.61 -2.84 -17.74
C ARG D 135 -23.93 -2.22 -17.28
N TYR D 136 -24.15 -0.98 -17.69
CA TYR D 136 -25.25 -0.18 -17.15
C TYR D 136 -26.24 0.19 -18.25
N LEU D 137 -27.46 -0.36 -18.14
CA LEU D 137 -28.49 -0.19 -19.14
C LEU D 137 -27.98 -0.66 -20.50
N ASP D 138 -28.34 0.05 -21.56
CA ASP D 138 -27.85 -0.30 -22.90
C ASP D 138 -26.45 0.24 -23.12
N ALA D 139 -25.49 -0.34 -22.40
CA ALA D 139 -24.07 0.02 -22.49
C ALA D 139 -23.84 1.51 -22.29
N ARG D 140 -24.45 2.06 -21.25
CA ARG D 140 -24.36 3.49 -20.99
C ARG D 140 -23.52 3.82 -19.77
N ASP D 141 -22.86 4.97 -19.82
CA ASP D 141 -22.19 5.52 -18.64
C ASP D 141 -23.25 6.14 -17.73
N MET D 142 -22.93 6.28 -16.45
CA MET D 142 -23.88 6.85 -15.49
C MET D 142 -24.18 8.31 -15.78
N THR D 143 -23.45 8.89 -16.73
CA THR D 143 -23.69 10.25 -17.16
C THR D 143 -24.90 10.32 -18.10
N GLY D 144 -25.36 9.15 -18.55
CA GLY D 144 -26.50 9.06 -19.44
C GLY D 144 -26.14 8.79 -20.88
N PHE D 145 -24.84 8.86 -21.18
CA PHE D 145 -24.35 8.66 -22.54
C PHE D 145 -23.80 7.26 -22.76
N ILE D 146 -23.95 6.74 -23.97
CA ILE D 146 -23.44 5.42 -24.32
C ILE D 146 -21.91 5.42 -24.35
N ASP D 147 -21.31 4.40 -23.76
CA ASP D 147 -19.85 4.28 -23.73
C ASP D 147 -19.37 3.09 -24.54
N GLY D 148 -18.60 3.37 -25.59
CA GLY D 148 -18.04 2.32 -26.43
C GLY D 148 -18.59 2.29 -27.85
N THR D 149 -19.27 3.36 -28.24
CA THR D 149 -19.90 3.44 -29.55
C THR D 149 -18.87 3.31 -30.69
N GLU D 150 -17.74 3.99 -30.56
CA GLU D 150 -16.72 3.98 -31.58
C GLU D 150 -15.56 3.06 -31.23
N ASN D 151 -15.79 2.19 -30.25
CA ASN D 151 -14.78 1.22 -29.82
C ASN D 151 -14.60 0.14 -30.89
N PRO D 152 -13.34 -0.20 -31.22
CA PRO D 152 -12.98 -1.24 -32.19
C PRO D 152 -13.71 -2.57 -31.95
N LYS D 153 -13.99 -3.29 -33.03
CA LYS D 153 -14.75 -4.54 -32.95
C LYS D 153 -14.12 -5.63 -33.82
N ALA D 154 -14.24 -6.88 -33.37
CA ALA D 154 -13.76 -8.05 -34.13
C ALA D 154 -12.27 -7.98 -34.46
N GLU D 155 -11.95 -8.15 -35.74
CA GLU D 155 -10.56 -8.27 -36.18
C GLU D 155 -9.74 -6.99 -36.00
N LYS D 156 -10.38 -5.84 -36.14
CA LYS D 156 -9.67 -4.57 -35.99
C LYS D 156 -9.45 -4.21 -34.53
N ARG D 157 -9.73 -5.16 -33.63
CA ARG D 157 -9.39 -5.02 -32.23
C ARG D 157 -7.98 -5.54 -32.00
N ALA D 158 -7.57 -6.51 -32.80
CA ALA D 158 -6.26 -7.16 -32.64
C ALA D 158 -5.14 -6.26 -33.14
N GLU D 159 -5.40 -5.49 -34.18
CA GLU D 159 -4.39 -4.62 -34.77
C GLU D 159 -4.24 -3.32 -33.97
N VAL D 160 -5.25 -3.01 -33.17
CA VAL D 160 -5.26 -1.79 -32.38
C VAL D 160 -4.66 -2.00 -30.99
N ALA D 161 -4.97 -3.15 -30.40
CA ALA D 161 -4.61 -3.42 -29.01
C ALA D 161 -3.22 -4.03 -28.85
N LEU D 162 -2.75 -4.76 -29.86
CA LEU D 162 -1.54 -5.57 -29.70
C LEU D 162 -0.42 -5.18 -30.66
N VAL D 163 0.81 -5.44 -30.23
CA VAL D 163 1.98 -5.26 -31.07
C VAL D 163 2.22 -6.53 -31.89
N ALA D 164 2.33 -6.37 -33.21
CA ALA D 164 2.44 -7.51 -34.11
C ALA D 164 3.82 -8.18 -34.04
N ASP D 165 4.84 -7.40 -33.73
CA ASP D 165 6.22 -7.90 -33.80
C ASP D 165 7.00 -7.71 -32.49
N GLY D 166 8.28 -8.09 -32.54
CA GLY D 166 9.17 -7.87 -31.42
C GLY D 166 9.27 -9.01 -30.43
N ASP D 167 10.08 -8.81 -29.38
CA ASP D 167 10.23 -9.79 -28.32
C ASP D 167 8.92 -10.02 -27.59
N PHE D 168 8.12 -8.97 -27.50
CA PHE D 168 6.85 -9.03 -26.78
C PHE D 168 5.80 -9.75 -27.61
N ALA D 169 5.66 -9.35 -28.87
CA ALA D 169 4.82 -10.05 -29.85
C ALA D 169 3.41 -10.34 -29.34
N GLY D 170 2.58 -9.31 -29.28
CA GLY D 170 1.20 -9.50 -28.85
C GLY D 170 0.95 -8.95 -27.46
N GLY D 171 1.95 -8.29 -26.89
CA GLY D 171 1.78 -7.62 -25.62
C GLY D 171 0.95 -6.37 -25.83
N SER D 172 0.42 -5.81 -24.75
CA SER D 172 -0.45 -4.63 -24.87
C SER D 172 -0.20 -3.61 -23.76
N TYR D 173 -0.08 -2.35 -24.16
CA TYR D 173 0.02 -1.24 -23.22
C TYR D 173 -1.33 -1.02 -22.52
N VAL D 174 -1.28 -0.87 -21.20
CA VAL D 174 -2.51 -0.70 -20.44
C VAL D 174 -2.50 0.60 -19.63
N MET D 175 -3.66 1.25 -19.57
CA MET D 175 -3.83 2.43 -18.73
C MET D 175 -5.10 2.30 -17.91
N VAL D 176 -5.05 2.73 -16.66
CA VAL D 176 -6.19 2.61 -15.76
C VAL D 176 -6.43 3.91 -15.00
N GLN D 177 -7.67 4.40 -15.03
CA GLN D 177 -8.05 5.58 -14.27
C GLN D 177 -9.45 5.43 -13.68
N ARG D 178 -9.56 5.45 -12.36
CA ARG D 178 -10.86 5.40 -11.71
C ARG D 178 -11.43 6.81 -11.59
N PHE D 179 -12.56 7.03 -12.25
CA PHE D 179 -13.20 8.35 -12.23
C PHE D 179 -14.38 8.41 -11.27
N VAL D 180 -14.49 9.52 -10.55
CA VAL D 180 -15.61 9.75 -9.65
C VAL D 180 -16.48 10.88 -10.21
N HIS D 181 -17.73 10.57 -10.52
CA HIS D 181 -18.61 11.52 -11.16
C HIS D 181 -19.28 12.49 -10.19
N ASN D 182 -19.44 13.74 -10.62
CA ASN D 182 -20.27 14.70 -9.91
C ASN D 182 -21.60 14.84 -10.64
N LEU D 183 -22.44 13.83 -10.50
CA LEU D 183 -23.72 13.77 -11.23
C LEU D 183 -24.71 14.92 -10.93
N PRO D 184 -24.81 15.39 -9.68
CA PRO D 184 -25.72 16.53 -9.47
C PRO D 184 -25.24 17.79 -10.18
N ALA D 185 -23.94 17.93 -10.38
CA ALA D 185 -23.39 19.04 -11.15
C ALA D 185 -23.67 18.83 -12.64
N TRP D 186 -23.64 17.57 -13.06
CA TRP D 186 -23.89 17.21 -14.45
C TRP D 186 -25.36 17.40 -14.81
N ASN D 187 -26.24 17.19 -13.84
CA ASN D 187 -27.67 17.28 -14.08
C ASN D 187 -28.19 18.72 -14.06
N ARG D 188 -27.33 19.67 -13.71
CA ARG D 188 -27.69 21.08 -13.78
C ARG D 188 -27.85 21.51 -15.23
N LEU D 189 -27.11 20.85 -16.12
CA LEU D 189 -27.16 21.15 -17.54
C LEU D 189 -28.41 20.58 -18.19
N ASN D 190 -28.91 21.28 -19.21
CA ASN D 190 -30.02 20.76 -20.00
C ASN D 190 -29.49 19.74 -21.01
N LEU D 191 -30.40 19.15 -21.78
CA LEU D 191 -30.05 18.12 -22.74
C LEU D 191 -29.00 18.59 -23.75
N ALA D 192 -29.23 19.77 -24.32
CA ALA D 192 -28.34 20.34 -25.32
C ALA D 192 -26.94 20.59 -24.74
N ALA D 193 -26.90 21.23 -23.59
CA ALA D 193 -25.63 21.56 -22.93
C ALA D 193 -24.81 20.32 -22.62
N GLN D 194 -25.48 19.24 -22.25
CA GLN D 194 -24.82 17.97 -21.99
C GLN D 194 -24.19 17.41 -23.26
N GLU D 195 -24.94 17.49 -24.35
CA GLU D 195 -24.47 17.01 -25.65
C GLU D 195 -23.27 17.80 -26.15
N LYS D 196 -23.23 19.09 -25.83
CA LYS D 196 -22.11 19.93 -26.22
C LYS D 196 -20.85 19.55 -25.44
N VAL D 197 -21.03 19.15 -24.19
CA VAL D 197 -19.93 18.73 -23.34
C VAL D 197 -19.32 17.42 -23.82
N ILE D 198 -20.18 16.44 -24.09
CA ILE D 198 -19.73 15.14 -24.57
C ILE D 198 -19.21 15.24 -25.99
N GLY D 199 -20.06 15.70 -26.90
CA GLY D 199 -19.70 15.82 -28.30
C GLY D 199 -20.53 14.90 -29.18
N ARG D 200 -21.46 14.18 -28.56
CA ARG D 200 -22.37 13.30 -29.29
C ARG D 200 -23.79 13.47 -28.77
N THR D 201 -24.77 12.94 -29.51
CA THR D 201 -26.15 12.95 -29.06
C THR D 201 -26.31 12.00 -27.88
N LYS D 202 -27.24 12.32 -26.99
CA LYS D 202 -27.43 11.51 -25.78
C LYS D 202 -28.21 10.21 -26.03
N PRO D 203 -29.40 10.28 -26.67
CA PRO D 203 -30.18 9.04 -26.74
C PRO D 203 -29.63 7.97 -27.69
N ASP D 204 -28.97 8.36 -28.77
CA ASP D 204 -28.53 7.40 -29.78
C ASP D 204 -27.04 7.48 -30.11
N SER D 205 -26.30 8.28 -29.35
CA SER D 205 -24.85 8.40 -29.46
C SER D 205 -24.38 8.75 -30.87
N VAL D 206 -25.12 9.62 -31.54
CA VAL D 206 -24.71 10.12 -32.85
C VAL D 206 -23.71 11.26 -32.68
N GLU D 207 -22.53 11.08 -33.26
CA GLU D 207 -21.48 12.10 -33.16
C GLU D 207 -21.92 13.42 -33.78
N LEU D 208 -21.68 14.51 -33.06
CA LEU D 208 -21.92 15.85 -33.58
C LEU D 208 -21.09 16.05 -34.84
N GLU D 209 -21.73 16.59 -35.89
CA GLU D 209 -21.03 16.87 -37.14
C GLU D 209 -19.91 17.87 -36.87
N ASN D 210 -20.16 18.77 -35.93
CA ASN D 210 -19.12 19.65 -35.40
C ASN D 210 -18.82 19.32 -33.95
N VAL D 211 -17.72 18.61 -33.72
CA VAL D 211 -17.31 18.30 -32.36
C VAL D 211 -16.45 19.42 -31.80
N PRO D 212 -16.97 20.13 -30.77
CA PRO D 212 -16.22 21.20 -30.11
C PRO D 212 -14.87 20.72 -29.61
N ALA D 213 -13.84 21.55 -29.77
CA ALA D 213 -12.49 21.18 -29.36
C ALA D 213 -12.42 20.94 -27.85
N ALA D 214 -13.27 21.63 -27.11
CA ALA D 214 -13.31 21.49 -25.66
C ALA D 214 -14.16 20.29 -25.24
N SER D 215 -15.05 19.84 -26.12
CA SER D 215 -15.90 18.69 -25.84
C SER D 215 -15.05 17.43 -25.67
N HIS D 216 -15.60 16.43 -25.00
CA HIS D 216 -14.86 15.21 -24.69
C HIS D 216 -14.41 14.47 -25.95
N VAL D 217 -15.32 14.33 -26.90
CA VAL D 217 -15.00 13.68 -28.17
C VAL D 217 -13.91 14.48 -28.89
N GLY D 218 -14.04 15.79 -28.88
CA GLY D 218 -13.06 16.67 -29.50
C GLY D 218 -11.68 16.55 -28.87
N ARG D 219 -11.62 16.13 -27.62
CA ARG D 219 -10.35 16.00 -26.90
C ARG D 219 -9.70 14.63 -27.11
N VAL D 220 -10.52 13.59 -27.25
CA VAL D 220 -10.02 12.23 -27.33
C VAL D 220 -9.91 11.71 -28.77
N ASP D 221 -10.70 12.29 -29.67
CA ASP D 221 -10.64 11.92 -31.09
C ASP D 221 -9.66 12.82 -31.82
N ILE D 222 -8.37 12.53 -31.63
CA ILE D 222 -7.31 13.35 -32.22
C ILE D 222 -6.46 12.54 -33.20
N LYS D 223 -6.25 13.10 -34.38
CA LYS D 223 -5.40 12.50 -35.41
C LYS D 223 -4.11 13.30 -35.56
N GLU D 224 -2.98 12.62 -35.39
CA GLU D 224 -1.68 13.28 -35.49
C GLU D 224 -0.92 12.90 -36.76
N GLU D 225 -1.42 11.88 -37.44
CA GLU D 225 -0.76 11.37 -38.63
C GLU D 225 -0.99 12.18 -39.94
N GLY D 226 -2.23 12.52 -40.31
CA GLY D 226 -3.45 12.24 -39.57
C GLY D 226 -4.36 11.24 -40.26
N LYS D 227 -4.50 10.07 -39.65
CA LYS D 227 -5.42 9.05 -40.15
C LYS D 227 -6.41 8.66 -39.05
N GLY D 228 -5.90 8.49 -37.84
CA GLY D 228 -6.74 8.17 -36.69
C GLY D 228 -5.97 7.50 -35.57
N LEU D 229 -6.29 7.90 -34.34
CA LEU D 229 -5.69 7.26 -33.16
C LEU D 229 -6.74 6.41 -32.44
N LYS D 230 -6.55 5.10 -32.46
CA LYS D 230 -7.54 4.17 -31.93
C LYS D 230 -6.99 3.38 -30.74
N ILE D 231 -7.85 3.16 -29.74
CA ILE D 231 -7.53 2.34 -28.58
C ILE D 231 -8.66 1.36 -28.29
N VAL D 232 -8.37 0.33 -27.49
CA VAL D 232 -9.39 -0.64 -27.12
C VAL D 232 -9.80 -0.46 -25.66
N ARG D 233 -10.98 0.12 -25.45
CA ARG D 233 -11.47 0.40 -24.11
C ARG D 233 -12.23 -0.79 -23.51
N HIS D 234 -11.90 -1.13 -22.28
CA HIS D 234 -12.62 -2.14 -21.52
C HIS D 234 -13.28 -1.52 -20.30
N SER D 235 -13.58 -0.23 -20.40
CA SER D 235 -14.14 0.53 -19.29
C SER D 235 -15.56 0.08 -18.96
N LEU D 236 -15.94 0.29 -17.69
CA LEU D 236 -17.25 -0.15 -17.20
C LEU D 236 -17.63 0.65 -15.95
N PRO D 237 -18.90 1.07 -15.86
CA PRO D 237 -19.43 1.80 -14.70
C PRO D 237 -19.27 1.04 -13.39
N TYR D 238 -19.28 1.76 -12.27
CA TYR D 238 -19.04 1.15 -10.96
C TYR D 238 -19.62 1.97 -9.82
N GLY D 239 -19.64 1.38 -8.63
CA GLY D 239 -19.90 2.12 -7.40
C GLY D 239 -21.32 2.12 -6.89
N SER D 240 -21.53 2.85 -5.79
CA SER D 240 -22.84 2.99 -5.18
C SER D 240 -23.31 4.43 -5.24
N VAL D 241 -24.60 4.65 -4.99
CA VAL D 241 -25.18 5.98 -5.06
C VAL D 241 -24.65 6.89 -3.95
N SER D 242 -24.52 6.35 -2.75
CA SER D 242 -24.11 7.14 -1.58
C SER D 242 -22.60 7.29 -1.47
N GLY D 243 -21.86 6.50 -2.24
CA GLY D 243 -20.41 6.56 -2.20
C GLY D 243 -19.83 6.98 -3.54
N ASP D 244 -18.60 6.55 -3.81
CA ASP D 244 -17.98 6.81 -5.10
C ASP D 244 -18.67 6.01 -6.21
N HIS D 245 -18.99 6.70 -7.29
CA HIS D 245 -19.55 6.04 -8.47
C HIS D 245 -19.13 6.79 -9.72
N GLY D 246 -19.06 6.08 -10.83
CA GLY D 246 -18.66 6.69 -12.09
C GLY D 246 -18.19 5.67 -13.10
N LEU D 247 -17.04 5.93 -13.72
CA LEU D 247 -16.51 5.06 -14.75
C LEU D 247 -15.07 4.64 -14.46
N LEU D 248 -14.86 3.33 -14.30
CA LEU D 248 -13.51 2.79 -14.22
C LEU D 248 -12.96 2.68 -15.64
N PHE D 249 -12.14 3.65 -16.03
CA PHE D 249 -11.56 3.63 -17.37
C PHE D 249 -10.36 2.71 -17.43
N ILE D 250 -10.32 1.88 -18.47
CA ILE D 250 -9.16 1.04 -18.76
C ILE D 250 -9.07 0.83 -20.27
N ALA D 251 -7.87 0.90 -20.81
CA ALA D 251 -7.68 0.82 -22.25
C ALA D 251 -6.44 0.02 -22.63
N TYR D 252 -6.52 -0.67 -23.76
CA TYR D 252 -5.41 -1.44 -24.29
C TYR D 252 -5.07 -0.92 -25.69
N CYS D 253 -3.77 -0.89 -26.01
CA CYS D 253 -3.34 -0.43 -27.33
C CYS D 253 -1.90 -0.83 -27.63
N HIS D 254 -1.53 -0.77 -28.90
CA HIS D 254 -0.23 -1.26 -29.36
C HIS D 254 0.90 -0.27 -29.11
N THR D 255 0.54 0.97 -28.78
CA THR D 255 1.52 1.99 -28.46
C THR D 255 1.07 2.83 -27.27
N LEU D 256 1.98 3.06 -26.32
CA LEU D 256 1.63 3.82 -25.12
C LEU D 256 1.43 5.30 -25.44
N HIS D 257 1.89 5.71 -26.62
CA HIS D 257 1.85 7.10 -27.04
C HIS D 257 0.45 7.70 -27.05
N ASN D 258 -0.54 6.89 -27.42
CA ASN D 258 -1.92 7.38 -27.53
C ASN D 258 -2.54 7.69 -26.18
N PHE D 259 -2.22 6.87 -25.17
CA PHE D 259 -2.67 7.11 -23.81
C PHE D 259 -2.20 8.48 -23.34
N LYS D 260 -0.88 8.68 -23.44
CA LYS D 260 -0.24 9.93 -23.05
C LYS D 260 -0.76 11.12 -23.87
N THR D 261 -0.99 10.91 -25.16
CA THR D 261 -1.45 11.98 -26.03
C THR D 261 -2.86 12.44 -25.69
N MET D 262 -3.76 11.48 -25.52
CA MET D 262 -5.16 11.80 -25.21
C MET D 262 -5.27 12.42 -23.82
N LEU D 263 -4.43 11.98 -22.89
CA LEU D 263 -4.44 12.51 -21.54
C LEU D 263 -3.90 13.93 -21.49
N GLU D 264 -2.83 14.18 -22.25
CA GLU D 264 -2.25 15.51 -22.32
C GLU D 264 -3.21 16.48 -23.00
N SER D 265 -3.98 15.96 -23.96
CA SER D 265 -4.97 16.77 -24.66
C SER D 265 -6.16 17.10 -23.75
N MET D 266 -6.59 16.12 -22.96
CA MET D 266 -7.73 16.30 -22.07
C MET D 266 -7.42 17.25 -20.91
N TYR D 267 -6.19 17.17 -20.40
CA TYR D 267 -5.82 17.92 -19.21
C TYR D 267 -5.04 19.20 -19.51
N GLY D 268 -5.23 19.73 -20.72
CA GLY D 268 -4.70 21.02 -21.08
C GLY D 268 -3.18 21.14 -21.13
N VAL D 269 -2.51 20.04 -21.49
CA VAL D 269 -1.06 20.09 -21.67
C VAL D 269 -0.72 20.58 -23.07
N THR D 270 -1.53 20.19 -24.04
CA THR D 270 -1.29 20.53 -25.43
C THR D 270 -1.84 21.91 -25.79
N ASP D 271 -3.12 22.13 -25.48
CA ASP D 271 -3.80 23.36 -25.86
C ASP D 271 -3.85 24.39 -24.74
N GLY D 272 -4.01 23.92 -23.51
CA GLY D 272 -4.34 24.80 -22.41
C GLY D 272 -5.83 24.68 -22.18
N LYS D 273 -6.49 24.04 -23.15
CA LYS D 273 -7.91 23.69 -23.03
C LYS D 273 -8.06 22.36 -22.31
N THR D 274 -8.91 22.33 -21.29
CA THR D 274 -9.19 21.10 -20.56
C THR D 274 -10.51 20.51 -21.02
N ASP D 275 -10.68 19.21 -20.80
CA ASP D 275 -11.88 18.49 -21.19
C ASP D 275 -13.09 18.98 -20.39
N GLN D 276 -14.16 19.32 -21.10
CA GLN D 276 -15.39 19.80 -20.48
C GLN D 276 -16.02 18.73 -19.59
N LEU D 277 -15.76 17.46 -19.90
CA LEU D 277 -16.26 16.35 -19.12
C LEU D 277 -15.60 16.31 -17.74
N LEU D 278 -14.36 16.81 -17.67
CA LEU D 278 -13.61 16.81 -16.42
C LEU D 278 -14.17 17.82 -15.42
N ARG D 279 -15.12 18.63 -15.87
CA ARG D 279 -15.83 19.54 -14.98
C ARG D 279 -16.80 18.78 -14.09
N PHE D 280 -17.13 17.56 -14.50
CA PHE D 280 -18.15 16.77 -13.82
C PHE D 280 -17.61 15.44 -13.32
N THR D 281 -16.32 15.19 -13.55
CA THR D 281 -15.70 13.97 -13.07
C THR D 281 -14.23 14.19 -12.72
N LYS D 282 -13.71 13.38 -11.80
CA LYS D 282 -12.34 13.52 -11.34
C LYS D 282 -11.64 12.17 -11.28
N ALA D 283 -10.42 12.12 -11.81
CA ALA D 283 -9.59 10.94 -11.68
C ALA D 283 -9.03 10.85 -10.25
N VAL D 284 -9.22 9.69 -9.63
CA VAL D 284 -8.71 9.46 -8.28
C VAL D 284 -7.58 8.45 -8.35
N THR D 285 -7.46 7.80 -9.50
CA THR D 285 -6.39 6.83 -9.74
C THR D 285 -5.85 7.01 -11.16
N GLY D 286 -4.58 6.69 -11.36
CA GLY D 286 -3.95 6.79 -12.67
C GLY D 286 -2.63 6.05 -12.71
N ALA D 287 -2.50 5.13 -13.65
CA ALA D 287 -1.29 4.33 -13.77
C ALA D 287 -1.13 3.71 -15.15
N TYR D 288 0.12 3.53 -15.57
CA TYR D 288 0.44 2.86 -16.83
C TYR D 288 0.89 1.43 -16.58
N PHE D 289 0.48 0.52 -17.46
CA PHE D 289 0.88 -0.87 -17.36
C PHE D 289 1.22 -1.45 -18.73
N PHE D 290 1.80 -2.65 -18.71
CA PHE D 290 1.97 -3.41 -19.94
C PHE D 290 1.59 -4.87 -19.67
N ALA D 291 0.52 -5.32 -20.32
CA ALA D 291 0.08 -6.70 -20.20
C ALA D 291 0.80 -7.56 -21.23
N PRO D 292 1.75 -8.38 -20.77
CA PRO D 292 2.54 -9.21 -21.69
C PRO D 292 1.69 -10.32 -22.30
N SER D 293 2.18 -10.91 -23.39
CA SER D 293 1.52 -12.06 -23.99
C SER D 293 1.59 -13.24 -23.02
N GLN D 294 0.78 -14.26 -23.28
CA GLN D 294 0.70 -15.42 -22.39
C GLN D 294 2.06 -16.06 -22.16
N VAL D 295 2.85 -16.17 -23.23
CA VAL D 295 4.17 -16.78 -23.15
C VAL D 295 5.12 -15.95 -22.28
N MET D 296 5.30 -14.67 -22.64
CA MET D 296 6.20 -13.79 -21.91
C MET D 296 5.78 -13.64 -20.45
N LEU D 297 4.48 -13.60 -20.21
CA LEU D 297 3.94 -13.51 -18.86
C LEU D 297 4.38 -14.68 -17.99
N GLN D 298 4.46 -15.86 -18.59
CA GLN D 298 4.86 -17.07 -17.86
C GLN D 298 6.38 -17.20 -17.79
N GLU D 299 7.09 -16.29 -18.45
CA GLU D 299 8.55 -16.39 -18.50
C GLU D 299 9.25 -15.20 -17.85
N LEU D 300 8.49 -14.36 -17.16
CA LEU D 300 9.09 -13.25 -16.42
C LEU D 300 9.81 -13.77 -15.17
N THR D 301 11.03 -13.28 -14.95
CA THR D 301 11.81 -13.68 -13.78
C THR D 301 12.44 -12.48 -13.10
N LEU D 302 12.65 -12.59 -11.80
CA LEU D 302 13.24 -11.52 -11.00
C LEU D 302 14.75 -11.47 -11.19
CHA HEM E . 13.39 27.23 4.56
CHB HEM E . 15.32 23.67 1.86
CHC HEM E . 10.91 21.76 1.24
CHD HEM E . 9.03 24.98 4.35
C1A HEM E . 14.29 26.45 3.86
C2A HEM E . 15.72 26.70 3.73
C3A HEM E . 16.25 25.72 2.99
C4A HEM E . 15.18 24.81 2.63
CMA HEM E . 17.72 25.57 2.58
CAA HEM E . 16.48 27.90 4.33
CBA HEM E . 17.06 27.50 5.69
CGA HEM E . 15.97 27.54 6.74
O1A HEM E . 15.52 28.66 7.09
O2A HEM E . 15.57 26.45 7.23
C1B HEM E . 14.29 22.84 1.46
C2B HEM E . 14.43 21.66 0.61
C3B HEM E . 13.21 21.13 0.45
C4B HEM E . 12.26 21.96 1.17
CMB HEM E . 15.79 21.19 0.06
CAB HEM E . 12.77 19.88 -0.36
CBB HEM E . 13.59 19.14 -1.13
C1C HEM E . 10.00 22.48 2.00
C2C HEM E . 8.56 22.32 1.99
C3C HEM E . 8.04 23.21 2.85
C4C HEM E . 9.15 23.97 3.43
CMC HEM E . 7.83 21.26 1.13
CAC HEM E . 6.56 23.47 3.25
CBC HEM E . 5.50 22.77 2.81
C1D HEM E . 10.02 25.88 4.73
C2D HEM E . 9.85 26.94 5.69
C3D HEM E . 11.22 27.65 5.75
C4D HEM E . 12.07 26.94 4.83
CMD HEM E . 8.58 27.30 6.48
CAD HEM E . 11.58 28.86 6.64
CBD HEM E . 11.54 30.13 5.78
CGD HEM E . 11.68 31.35 6.66
O1D HEM E . 12.74 32.03 6.58
O2D HEM E . 10.74 31.64 7.45
NA HEM E . 14.00 25.29 3.18
NB HEM E . 12.96 22.99 1.77
NC HEM E . 10.32 23.51 2.88
ND HEM E . 11.33 25.91 4.24
FE HEM E . 12.16 24.43 3.05
CHA HEM F . 32.47 -16.03 14.81
CHB HEM F . 34.00 -16.23 10.21
CHC HEM F . 29.50 -15.27 8.63
CHD HEM F . 28.22 -14.22 13.19
C1A HEM F . 33.28 -16.17 13.70
C2A HEM F . 34.70 -16.48 13.72
C3A HEM F . 35.11 -16.53 12.44
C4A HEM F . 33.98 -16.26 11.59
CMA HEM F . 36.55 -16.83 11.95
CAA HEM F . 35.56 -16.71 14.97
CBA HEM F . 35.79 -18.21 15.13
CGA HEM F . 36.49 -18.49 16.44
O1A HEM F . 35.81 -18.48 17.49
O2A HEM F . 37.72 -18.71 16.42
C1B HEM F . 32.91 -16.07 9.39
C2B HEM F . 32.88 -16.30 7.97
C3B HEM F . 31.66 -16.05 7.51
C4B HEM F . 30.84 -15.62 8.65
CMB HEM F . 34.08 -16.77 7.10
CAB HEM F . 31.26 -16.19 6.03
CBB HEM F . 30.05 -15.87 5.57
C1C HEM F . 28.76 -14.86 9.72
C2C HEM F . 27.38 -14.39 9.71
C3C HEM F . 27.04 -14.10 10.98
C4C HEM F . 28.18 -14.39 11.83
CMC HEM F . 26.52 -14.27 8.42
CAC HEM F . 25.70 -13.57 11.55
CBC HEM F . 24.58 -13.40 10.85
C1D HEM F . 29.17 -14.71 14.06
C2D HEM F . 29.00 -14.89 15.48
C3D HEM F . 30.33 -15.45 15.98
C4D HEM F . 31.17 -15.56 14.82
CMD HEM F . 27.75 -14.57 16.32
CAD HEM F . 30.69 -15.82 17.44
CBD HEM F . 31.22 -14.61 18.19
CGD HEM F . 32.53 -14.17 17.58
O1D HEM F . 32.52 -13.20 16.77
O2D HEM F . 33.59 -14.77 17.91
NA HEM F . 32.87 -16.04 12.39
NB HEM F . 31.64 -15.66 9.78
NC HEM F . 29.21 -14.85 11.03
ND HEM F . 30.45 -15.12 13.72
FE HEM F . 31.01 -15.49 11.75
CHA HEM G . -30.76 -21.29 8.54
CHB HEM G . -32.50 -17.28 10.65
CHC HEM G . -28.11 -15.23 10.40
CHD HEM G . -26.66 -18.85 7.50
C1A HEM G . -31.61 -20.39 9.14
C2A HEM G . -33.01 -20.63 9.46
C3A HEM G . -33.48 -19.52 10.03
C4A HEM G . -32.41 -18.55 10.12
CMA HEM G . -34.93 -19.30 10.55
CAA HEM G . -33.78 -21.93 9.17
CBA HEM G . -33.96 -22.72 10.46
CGA HEM G . -34.53 -24.07 10.15
O1A HEM G . -33.77 -24.93 9.61
O2A HEM G . -35.73 -24.30 10.45
C1B HEM G . -31.45 -16.42 10.86
C2B HEM G . -31.47 -15.24 11.71
C3B HEM G . -30.26 -14.68 11.65
C4B HEM G . -29.43 -15.46 10.75
CMB HEM G . -32.66 -14.73 12.55
CAB HEM G . -29.90 -13.39 12.43
CBB HEM G . -28.68 -12.86 12.41
C1C HEM G . -27.34 -16.01 9.57
C2C HEM G . -25.99 -15.73 9.13
C3C HEM G . -25.59 -16.74 8.33
C4C HEM G . -26.68 -17.69 8.24
CMC HEM G . -25.20 -14.48 9.56
CAC HEM G . -24.25 -16.97 7.59
CBC HEM G . -23.15 -16.24 7.77
C1D HEM G . -27.56 -19.88 7.58
C2D HEM G . -27.36 -21.21 7.06
C3D HEM G . -28.65 -21.98 7.39
C4D HEM G . -29.50 -21.03 8.07
CMD HEM G . -26.10 -21.74 6.34
CAD HEM G . -28.95 -23.45 7.06
CBD HEM G . -29.59 -23.57 5.68
CGD HEM G . -30.94 -22.89 5.68
O1D HEM G . -31.95 -23.56 6.04
O2D HEM G . -31.02 -21.69 5.31
NA HEM G . -31.29 -19.11 9.56
NB HEM G . -30.20 -16.52 10.29
NC HEM G . -27.73 -17.22 9.00
ND HEM G . -28.83 -19.81 8.16
FE HEM G . -29.51 -18.19 9.27
CHA HEM H . -15.37 8.27 -26.43
CHB HEM H . -17.10 8.61 -21.89
CHC HEM H . -12.58 8.88 -20.18
CHD HEM H . -10.85 7.82 -24.58
C1A HEM H . -16.23 8.42 -25.36
C2A HEM H . -17.67 8.62 -25.44
C3A HEM H . -18.14 8.71 -24.19
C4A HEM H . -17.03 8.57 -23.27
CMA HEM H . -19.62 8.93 -23.80
CAA HEM H . -18.50 8.70 -26.73
CBA HEM H . -19.06 7.33 -27.11
CGA HEM H . -17.92 6.37 -27.35
O1A HEM H . -17.54 5.65 -26.38
O2A HEM H . -17.40 6.31 -28.49
C1B HEM H . -16.04 8.78 -21.04
C2B HEM H . -16.12 9.09 -19.62
C3B HEM H . -14.86 9.16 -19.14
C4B HEM H . -13.96 8.90 -20.24
CMB HEM H . -17.46 9.29 -18.87
CAB HEM H . -14.36 9.47 -17.71
CBB HEM H . -15.13 9.81 -16.67
C1C HEM H . -11.72 8.63 -21.22
C2C HEM H . -10.27 8.64 -21.14
C3C HEM H . -9.79 8.35 -22.36
C4C HEM H . -10.92 8.14 -23.24
CMC HEM H . -9.49 8.96 -19.84
CAC HEM H . -8.32 8.24 -22.86
CBC HEM H . -7.23 8.38 -22.09
C1D HEM H . -11.89 7.82 -25.49
C2D HEM H . -11.76 7.48 -26.89
C3D HEM H . -13.18 7.63 -27.48
C4D HEM H . -14.02 8.02 -26.37
CMD HEM H . -10.48 7.09 -27.64
CAD HEM H . -13.56 7.38 -28.94
CBD HEM H . -14.11 8.65 -29.58
CGD HEM H . -13.92 8.60 -31.07
O1D HEM H . -14.66 9.30 -31.80
O2D HEM H . -13.01 7.84 -31.52
NA HEM H . -15.88 8.40 -24.02
NB HEM H . -14.71 8.67 -21.38
NC HEM H . -12.08 8.32 -22.51
ND HEM H . -13.22 8.13 -25.22
FE HEM H . -13.98 8.37 -23.31
#